data_3AMQ
#
_entry.id   3AMQ
#
_cell.length_a   230.896
_cell.length_b   46.907
_cell.length_c   116.409
_cell.angle_alpha   90.00
_cell.angle_beta   114.19
_cell.angle_gamma   90.00
#
_symmetry.space_group_name_H-M   'C 1 2 1'
#
loop_
_entity.id
_entity.type
_entity.pdbx_description
1 polymer Endo-1,4-beta-glucanase
2 branched beta-D-glucopyranose-(1-4)-alpha-D-glucopyranose
3 non-polymer beta-D-glucopyranose
4 water water
#
_entity_poly.entity_id   1
_entity_poly.type   'polypeptide(L)'
_entity_poly.pdbx_seq_one_letter_code
;MGHHHHHHMVLMTKPGTSDFVWNGIPLSMELNLWNIKEYSGSVAMKFDGEKITFDADIQNLSPKEPERYVLGYPEFYYGY
KPWENHTAEGSKLPVPVSSMKSFSVEVSFDIHHEPSLPLNFAMETWLTREKYQTEASIGDVCIMVWFYFNNLTPGGEKIE
EFTIPFVLNGESVEGTWELWLAEWGWDYLAFRLKDPVKKGRVKFDVRHFLDAAGKALSSSARVKDFEDLYFTVWEIGTEF
GSPETKSAQFGWKFENFSIDLEVRE
;
_entity_poly.pdbx_strand_id   A,B,C,D
#
loop_
_chem_comp.id
_chem_comp.type
_chem_comp.name
_chem_comp.formula
BGC D-saccharide, beta linking beta-D-glucopyranose 'C6 H12 O6'
GLC D-saccharide, alpha linking alpha-D-glucopyranose 'C6 H12 O6'
#
# COMPACT_ATOMS: atom_id res chain seq x y z
N MET A 9 -22.53 -19.39 27.56
CA MET A 9 -22.98 -20.78 27.89
C MET A 9 -24.03 -21.42 26.94
N VAL A 10 -23.70 -22.61 26.42
CA VAL A 10 -24.55 -23.29 25.44
C VAL A 10 -24.99 -24.66 25.95
N LEU A 11 -26.24 -25.03 25.73
CA LEU A 11 -26.72 -26.34 26.19
C LEU A 11 -27.56 -27.04 25.14
N MET A 12 -27.35 -28.33 24.99
CA MET A 12 -28.10 -29.10 24.03
C MET A 12 -28.42 -30.42 24.73
N THR A 13 -29.61 -30.91 24.48
CA THR A 13 -30.06 -32.16 25.09
C THR A 13 -30.67 -33.10 24.09
N LYS A 14 -30.48 -32.79 22.83
CA LYS A 14 -30.96 -33.65 21.78
C LYS A 14 -29.97 -33.39 20.66
N PRO A 15 -29.93 -34.30 19.69
CA PRO A 15 -29.01 -34.14 18.57
C PRO A 15 -29.19 -32.80 17.88
N GLY A 16 -28.09 -32.23 17.45
CA GLY A 16 -28.12 -30.92 16.80
C GLY A 16 -26.76 -30.27 16.91
N THR A 17 -26.64 -29.09 16.31
CA THR A 17 -25.39 -28.38 16.28
C THR A 17 -25.57 -26.95 16.82
N SER A 18 -24.60 -26.47 17.62
CA SER A 18 -24.60 -25.12 18.20
C SER A 18 -23.22 -24.49 18.11
N ASP A 19 -23.15 -23.22 17.72
CA ASP A 19 -21.87 -22.56 17.67
C ASP A 19 -21.52 -21.91 19.01
N PHE A 20 -20.22 -21.79 19.26
CA PHE A 20 -19.79 -21.10 20.48
C PHE A 20 -18.43 -20.49 20.26
N VAL A 21 -17.92 -19.75 21.23
CA VAL A 21 -16.61 -19.18 21.06
C VAL A 21 -15.91 -19.55 22.33
N TRP A 22 -14.68 -20.07 22.24
CA TRP A 22 -13.92 -20.50 23.38
C TRP A 22 -12.52 -19.91 23.35
N ASN A 23 -12.23 -19.04 24.34
CA ASN A 23 -10.90 -18.40 24.40
C ASN A 23 -10.65 -17.68 23.06
N GLY A 24 -11.69 -17.06 22.50
CA GLY A 24 -11.60 -16.33 21.25
C GLY A 24 -11.67 -17.13 19.94
N ILE A 25 -11.75 -18.45 20.07
CA ILE A 25 -11.83 -19.38 18.93
C ILE A 25 -13.28 -19.74 18.58
N PRO A 26 -13.72 -19.46 17.33
CA PRO A 26 -15.10 -19.79 16.95
C PRO A 26 -15.17 -21.34 16.71
N LEU A 27 -16.09 -22.01 17.39
CA LEU A 27 -16.22 -23.47 17.31
C LEU A 27 -17.67 -23.92 17.14
N SER A 28 -17.86 -25.21 16.90
CA SER A 28 -19.20 -25.76 16.75
C SER A 28 -19.24 -26.98 17.66
N MET A 29 -20.36 -27.17 18.33
CA MET A 29 -20.50 -28.33 19.23
C MET A 29 -21.54 -29.16 18.49
N GLU A 30 -21.40 -30.50 18.46
CA GLU A 30 -22.46 -31.28 17.80
C GLU A 30 -22.74 -32.48 18.68
N LEU A 31 -23.98 -32.58 19.16
CA LEU A 31 -24.43 -33.71 20.02
C LEU A 31 -24.81 -34.68 18.93
N ASN A 32 -23.77 -35.35 18.48
CA ASN A 32 -23.80 -36.20 17.29
C ASN A 32 -24.12 -37.66 17.58
N LEU A 33 -25.30 -38.12 17.18
CA LEU A 33 -25.75 -39.51 17.39
C LEU A 33 -26.10 -39.97 16.01
N TRP A 34 -25.19 -39.71 15.08
CA TRP A 34 -25.48 -39.94 13.65
C TRP A 34 -25.95 -41.32 13.21
N ASN A 35 -25.52 -42.37 13.87
CA ASN A 35 -25.94 -43.70 13.46
C ASN A 35 -26.94 -44.36 14.41
N ILE A 36 -27.66 -43.56 15.16
CA ILE A 36 -28.67 -44.12 16.07
C ILE A 36 -30.09 -43.85 15.46
N LYS A 37 -30.84 -44.92 15.31
CA LYS A 37 -32.21 -44.84 14.75
C LYS A 37 -33.15 -44.32 15.82
N GLU A 38 -33.00 -44.83 17.03
CA GLU A 38 -33.80 -44.32 18.15
C GLU A 38 -33.08 -44.62 19.48
N TYR A 39 -33.40 -43.83 20.49
CA TYR A 39 -32.83 -44.03 21.83
C TYR A 39 -33.85 -43.45 22.83
N SER A 40 -33.66 -43.80 24.08
CA SER A 40 -34.48 -43.23 25.11
C SER A 40 -33.45 -42.87 26.18
N GLY A 41 -33.86 -42.08 27.18
CA GLY A 41 -32.93 -41.71 28.21
C GLY A 41 -32.44 -40.27 28.01
N SER A 42 -31.27 -39.94 28.53
CA SER A 42 -30.79 -38.57 28.47
C SER A 42 -29.40 -38.35 27.91
N VAL A 43 -29.22 -37.25 27.20
CA VAL A 43 -27.91 -36.82 26.74
C VAL A 43 -27.85 -35.29 27.00
N ALA A 44 -26.68 -34.80 27.38
CA ALA A 44 -26.53 -33.37 27.61
C ALA A 44 -25.10 -32.96 27.32
N MET A 45 -25.00 -31.88 26.55
CA MET A 45 -23.72 -31.29 26.21
C MET A 45 -23.83 -29.79 26.51
N LYS A 46 -22.81 -29.30 27.15
CA LYS A 46 -22.82 -27.94 27.54
C LYS A 46 -21.46 -27.30 27.47
N PHE A 47 -21.46 -26.02 27.07
CA PHE A 47 -20.25 -25.23 27.08
C PHE A 47 -20.56 -24.08 28.07
N ASP A 48 -19.69 -23.86 29.04
CA ASP A 48 -19.91 -22.84 30.06
C ASP A 48 -18.95 -21.65 29.99
N GLY A 49 -18.20 -21.55 28.89
CA GLY A 49 -17.25 -20.46 28.76
C GLY A 49 -15.85 -20.92 29.09
N GLU A 50 -15.72 -22.02 29.81
CA GLU A 50 -14.40 -22.52 30.22
C GLU A 50 -14.18 -24.01 29.96
N LYS A 51 -15.25 -24.77 29.84
CA LYS A 51 -15.14 -26.20 29.54
C LYS A 51 -16.36 -26.69 28.77
N ILE A 52 -16.17 -27.80 28.05
CA ILE A 52 -17.26 -28.44 27.32
C ILE A 52 -17.40 -29.81 28.03
N THR A 53 -18.63 -30.19 28.35
CA THR A 53 -18.82 -31.49 29.02
C THR A 53 -19.91 -32.21 28.27
N PHE A 54 -19.87 -33.53 28.36
CA PHE A 54 -20.89 -34.32 27.73
C PHE A 54 -21.23 -35.46 28.69
N ASP A 55 -22.51 -35.80 28.77
CA ASP A 55 -22.95 -36.93 29.61
C ASP A 55 -24.05 -37.65 28.91
N ALA A 56 -23.97 -38.98 28.88
CA ALA A 56 -25.05 -39.75 28.26
C ALA A 56 -25.41 -40.92 29.17
N ASP A 57 -26.70 -41.19 29.25
CA ASP A 57 -27.27 -42.36 29.96
C ASP A 57 -28.46 -42.72 29.04
N ILE A 58 -28.19 -43.48 27.99
CA ILE A 58 -29.22 -43.79 27.03
C ILE A 58 -29.45 -45.28 26.87
N GLN A 59 -30.66 -45.65 26.48
CA GLN A 59 -30.96 -47.09 26.37
C GLN A 59 -31.82 -47.26 25.12
N ASN A 60 -32.30 -48.47 24.90
CA ASN A 60 -33.21 -48.77 23.78
C ASN A 60 -32.59 -48.32 22.47
N LEU A 61 -31.28 -48.55 22.36
CA LEU A 61 -30.51 -48.19 21.19
C LEU A 61 -30.62 -49.18 20.02
N SER A 62 -30.68 -48.64 18.79
CA SER A 62 -30.68 -49.44 17.56
C SER A 62 -29.95 -48.57 16.53
N PRO A 63 -29.15 -49.19 15.66
CA PRO A 63 -28.46 -48.33 14.67
C PRO A 63 -29.27 -48.06 13.40
N LYS A 64 -28.92 -47.00 12.65
CA LYS A 64 -29.58 -46.72 11.37
C LYS A 64 -28.98 -47.69 10.34
N GLU A 65 -27.65 -47.80 10.32
CA GLU A 65 -26.94 -48.70 9.44
C GLU A 65 -25.98 -49.54 10.27
N PRO A 66 -26.34 -50.80 10.59
CA PRO A 66 -25.46 -51.68 11.39
C PRO A 66 -24.03 -51.76 10.82
N GLU A 67 -23.95 -51.75 9.50
CA GLU A 67 -22.69 -51.85 8.79
C GLU A 67 -21.62 -50.83 9.20
N ARG A 68 -22.08 -49.65 9.66
CA ARG A 68 -21.16 -48.55 10.06
C ARG A 68 -20.50 -48.80 11.43
N TYR A 69 -21.06 -49.76 12.15
CA TYR A 69 -20.54 -50.21 13.42
C TYR A 69 -20.76 -49.26 14.58
N VAL A 70 -20.09 -48.10 14.64
CA VAL A 70 -20.34 -47.23 15.82
C VAL A 70 -21.75 -46.60 15.78
N LEU A 71 -22.18 -46.03 16.90
CA LEU A 71 -23.51 -45.39 17.00
C LEU A 71 -23.48 -43.85 16.93
N GLY A 72 -22.42 -43.23 17.47
CA GLY A 72 -22.38 -41.77 17.43
C GLY A 72 -20.99 -41.24 17.69
N TYR A 73 -20.87 -39.91 17.62
CA TYR A 73 -19.60 -39.22 17.86
C TYR A 73 -19.80 -37.80 18.44
N PRO A 74 -20.27 -37.70 19.72
CA PRO A 74 -20.46 -36.37 20.31
C PRO A 74 -19.11 -35.66 20.26
N GLU A 75 -19.16 -34.41 19.84
CA GLU A 75 -17.92 -33.73 19.52
C GLU A 75 -18.07 -32.18 19.43
N PHE A 76 -16.91 -31.53 19.24
CA PHE A 76 -16.90 -30.11 18.94
C PHE A 76 -15.81 -30.00 17.82
N TYR A 77 -15.88 -28.93 17.05
CA TYR A 77 -14.92 -28.77 15.96
C TYR A 77 -14.65 -27.36 15.56
N TYR A 78 -13.52 -27.21 14.86
CA TYR A 78 -13.05 -25.92 14.35
C TYR A 78 -13.13 -26.08 12.83
N GLY A 79 -13.80 -25.17 12.13
CA GLY A 79 -13.85 -25.28 10.69
C GLY A 79 -15.20 -25.72 10.14
N TYR A 80 -15.17 -26.20 8.89
CA TYR A 80 -16.33 -26.62 8.12
C TYR A 80 -16.49 -28.13 8.10
N LYS A 81 -17.57 -28.64 8.68
CA LYS A 81 -17.79 -30.11 8.69
C LYS A 81 -18.63 -30.37 7.42
N PRO A 82 -18.05 -31.07 6.44
CA PRO A 82 -18.80 -31.32 5.20
C PRO A 82 -20.17 -31.95 5.36
N TRP A 83 -20.24 -32.98 6.19
CA TRP A 83 -21.50 -33.67 6.32
C TRP A 83 -22.61 -32.83 6.75
N GLU A 84 -22.35 -31.81 7.56
CA GLU A 84 -23.46 -31.01 8.03
C GLU A 84 -23.52 -29.65 7.36
N ASN A 85 -22.77 -29.49 6.26
CA ASN A 85 -22.74 -28.21 5.54
C ASN A 85 -22.68 -27.10 6.62
N HIS A 86 -21.72 -27.21 7.55
CA HIS A 86 -21.72 -26.23 8.60
C HIS A 86 -20.39 -25.70 9.13
N THR A 87 -20.34 -24.38 9.33
CA THR A 87 -19.17 -23.76 9.93
C THR A 87 -19.59 -22.58 10.83
N ALA A 88 -18.88 -22.34 11.92
CA ALA A 88 -19.18 -21.19 12.74
C ALA A 88 -18.51 -20.05 11.95
N GLU A 89 -18.83 -18.84 12.35
CA GLU A 89 -18.28 -17.62 11.72
C GLU A 89 -16.84 -17.32 12.17
N GLY A 90 -15.92 -16.97 11.25
CA GLY A 90 -14.58 -16.63 11.69
C GLY A 90 -13.44 -17.64 11.71
N SER A 91 -13.64 -18.84 11.14
CA SER A 91 -12.61 -19.87 11.07
C SER A 91 -11.72 -19.64 9.84
N LYS A 92 -10.44 -20.03 9.94
CA LYS A 92 -9.49 -19.91 8.83
C LYS A 92 -9.71 -21.12 7.88
N LEU A 93 -10.33 -22.19 8.41
CA LEU A 93 -10.58 -23.39 7.58
C LEU A 93 -11.84 -23.25 6.76
N PRO A 94 -11.92 -23.96 5.63
CA PRO A 94 -10.95 -24.90 5.03
C PRO A 94 -9.78 -24.21 4.34
N VAL A 95 -8.61 -24.87 4.32
CA VAL A 95 -7.49 -24.38 3.50
C VAL A 95 -6.86 -25.59 2.79
N PRO A 96 -6.14 -25.35 1.70
CA PRO A 96 -5.51 -26.51 1.02
C PRO A 96 -4.47 -27.12 1.97
N VAL A 97 -4.31 -28.44 1.97
CA VAL A 97 -3.32 -29.09 2.82
C VAL A 97 -1.97 -28.41 2.59
N SER A 98 -1.68 -28.07 1.33
CA SER A 98 -0.40 -27.41 1.03
C SER A 98 -0.24 -26.05 1.74
N SER A 99 -1.35 -25.42 2.12
CA SER A 99 -1.26 -24.11 2.77
C SER A 99 -0.96 -24.18 4.24
N MET A 100 -0.98 -25.39 4.81
CA MET A 100 -0.74 -25.57 6.23
C MET A 100 0.72 -25.81 6.58
N LYS A 101 1.38 -24.80 7.16
CA LYS A 101 2.77 -24.99 7.56
C LYS A 101 2.81 -25.82 8.85
N SER A 102 1.90 -25.52 9.76
CA SER A 102 1.79 -26.22 11.04
C SER A 102 0.39 -26.03 11.56
N PHE A 103 -0.07 -26.96 12.39
CA PHE A 103 -1.43 -26.81 12.93
C PHE A 103 -1.38 -27.42 14.32
N SER A 104 -1.10 -26.60 15.31
CA SER A 104 -0.96 -27.09 16.64
C SER A 104 -2.30 -27.10 17.38
N VAL A 105 -2.55 -28.21 18.06
CA VAL A 105 -3.80 -28.41 18.79
C VAL A 105 -3.44 -28.82 20.21
N GLU A 106 -4.12 -28.20 21.17
CA GLU A 106 -3.85 -28.55 22.54
C GLU A 106 -5.17 -28.70 23.30
N VAL A 107 -5.31 -29.75 24.09
CA VAL A 107 -6.52 -29.86 24.89
C VAL A 107 -6.31 -30.79 26.08
N SER A 108 -7.03 -30.53 27.19
CA SER A 108 -7.03 -31.35 28.42
C SER A 108 -8.31 -32.17 28.28
N PHE A 109 -8.28 -33.41 28.71
CA PHE A 109 -9.51 -34.22 28.59
C PHE A 109 -9.63 -35.20 29.75
N ASP A 110 -10.88 -35.59 30.04
CA ASP A 110 -11.12 -36.57 31.10
C ASP A 110 -12.31 -37.37 30.59
N ILE A 111 -12.07 -38.63 30.22
CA ILE A 111 -13.12 -39.49 29.66
C ILE A 111 -13.50 -40.61 30.63
N HIS A 112 -14.79 -40.85 30.80
CA HIS A 112 -15.20 -41.93 31.70
C HIS A 112 -16.32 -42.68 31.01
N HIS A 113 -16.41 -43.99 31.29
CA HIS A 113 -17.42 -44.83 30.59
C HIS A 113 -17.63 -46.15 31.33
N GLU A 114 -18.82 -46.76 31.16
CA GLU A 114 -19.09 -48.06 31.74
C GLU A 114 -18.03 -48.93 31.04
N PRO A 115 -17.48 -49.89 31.78
CA PRO A 115 -16.43 -50.73 31.23
C PRO A 115 -16.54 -51.49 29.96
N SER A 116 -17.74 -51.92 29.60
CA SER A 116 -17.75 -52.76 28.39
C SER A 116 -18.12 -52.01 27.13
N LEU A 117 -18.33 -50.71 27.26
CA LEU A 117 -18.79 -49.94 26.10
C LEU A 117 -17.69 -49.63 25.08
N PRO A 118 -17.90 -50.04 23.81
CA PRO A 118 -16.89 -49.73 22.81
C PRO A 118 -16.91 -48.18 22.70
N LEU A 119 -15.72 -47.60 22.82
CA LEU A 119 -15.58 -46.17 22.73
C LEU A 119 -14.16 -45.72 22.41
N ASN A 120 -14.03 -44.53 21.83
CA ASN A 120 -12.69 -43.96 21.69
C ASN A 120 -12.71 -42.50 22.02
N PHE A 121 -11.51 -41.89 22.03
CA PHE A 121 -11.40 -40.45 22.17
C PHE A 121 -10.58 -40.21 20.91
N ALA A 122 -11.20 -39.62 19.89
CA ALA A 122 -10.52 -39.43 18.62
C ALA A 122 -10.79 -38.10 18.01
N MET A 123 -9.78 -37.64 17.27
CA MET A 123 -9.87 -36.38 16.63
C MET A 123 -9.87 -36.72 15.18
N GLU A 124 -10.42 -35.83 14.35
CA GLU A 124 -10.39 -36.14 12.92
C GLU A 124 -10.60 -34.96 11.97
N THR A 125 -10.22 -35.19 10.70
CA THR A 125 -10.41 -34.17 9.66
C THR A 125 -10.93 -34.87 8.42
N TRP A 126 -11.50 -34.10 7.51
CA TRP A 126 -11.98 -34.58 6.25
C TRP A 126 -11.23 -33.81 5.16
N LEU A 127 -10.40 -34.49 4.37
CA LEU A 127 -9.66 -33.81 3.31
C LEU A 127 -10.52 -34.04 2.06
N THR A 128 -11.00 -32.96 1.45
CA THR A 128 -11.84 -33.07 0.27
C THR A 128 -11.34 -32.35 -1.00
N ARG A 129 -11.75 -32.85 -2.17
CA ARG A 129 -11.29 -32.27 -3.45
C ARG A 129 -11.77 -30.86 -3.64
N GLU A 130 -13.05 -30.61 -3.39
CA GLU A 130 -13.61 -29.26 -3.45
C GLU A 130 -13.71 -28.69 -2.02
N LYS A 131 -13.68 -27.37 -1.92
CA LYS A 131 -13.67 -26.70 -0.62
C LYS A 131 -14.87 -26.95 0.29
N TYR A 132 -16.09 -26.90 -0.26
CA TYR A 132 -17.32 -27.08 0.51
C TYR A 132 -18.25 -28.22 0.03
N GLN A 133 -17.75 -29.43 0.07
CA GLN A 133 -18.57 -30.59 -0.30
C GLN A 133 -19.55 -30.84 0.88
N THR A 134 -20.63 -31.57 0.62
CA THR A 134 -21.58 -31.93 1.68
C THR A 134 -21.46 -33.42 1.97
N GLU A 135 -20.43 -34.03 1.38
CA GLU A 135 -20.14 -35.45 1.60
C GLU A 135 -18.71 -35.76 1.19
N ALA A 136 -18.26 -36.94 1.55
CA ALA A 136 -16.94 -37.42 1.17
C ALA A 136 -17.19 -38.58 0.18
N SER A 137 -16.31 -38.76 -0.81
CA SER A 137 -16.49 -39.92 -1.71
C SER A 137 -15.12 -40.34 -2.24
N ILE A 138 -15.05 -41.14 -3.33
CA ILE A 138 -13.71 -41.55 -3.78
C ILE A 138 -12.86 -40.38 -4.18
N GLY A 139 -11.62 -40.37 -3.67
CA GLY A 139 -10.69 -39.28 -3.89
C GLY A 139 -10.52 -38.46 -2.59
N ASP A 140 -11.51 -38.53 -1.70
CA ASP A 140 -11.44 -37.83 -0.40
C ASP A 140 -10.88 -38.72 0.71
N VAL A 141 -10.47 -38.08 1.83
CA VAL A 141 -9.87 -38.83 2.92
C VAL A 141 -10.44 -38.40 4.28
N CYS A 142 -10.50 -39.34 5.21
CA CYS A 142 -10.85 -39.05 6.59
C CYS A 142 -9.59 -39.45 7.35
N ILE A 143 -9.01 -38.54 8.13
CA ILE A 143 -7.85 -38.94 8.92
C ILE A 143 -8.27 -38.79 10.42
N MET A 144 -8.07 -39.84 11.22
CA MET A 144 -8.42 -39.77 12.64
C MET A 144 -7.16 -39.96 13.46
N VAL A 145 -7.15 -39.41 14.66
CA VAL A 145 -6.06 -39.59 15.60
C VAL A 145 -6.75 -40.04 16.91
N TRP A 146 -6.52 -41.29 17.31
CA TRP A 146 -7.09 -41.86 18.52
C TRP A 146 -6.15 -41.79 19.69
N PHE A 147 -6.50 -41.02 20.72
CA PHE A 147 -5.65 -40.93 21.94
C PHE A 147 -6.09 -42.00 22.97
N TYR A 148 -7.31 -42.55 22.79
CA TYR A 148 -7.83 -43.55 23.73
C TYR A 148 -8.83 -44.42 23.04
N PHE A 149 -9.00 -45.61 23.59
CA PHE A 149 -9.94 -46.55 23.10
C PHE A 149 -10.23 -47.58 24.17
N ASN A 150 -11.44 -48.13 24.09
CA ASN A 150 -11.86 -49.17 25.01
C ASN A 150 -12.75 -50.11 24.20
N ASN A 151 -12.36 -51.39 24.11
CA ASN A 151 -13.20 -52.35 23.43
C ASN A 151 -13.55 -51.87 22.01
N LEU A 152 -12.62 -51.28 21.30
CA LEU A 152 -12.95 -50.77 19.97
C LEU A 152 -11.66 -50.72 19.16
N THR A 153 -11.76 -51.21 17.93
CA THR A 153 -10.62 -51.23 17.00
C THR A 153 -10.96 -50.37 15.81
N PRO A 154 -9.98 -49.64 15.25
CA PRO A 154 -10.26 -48.79 14.08
C PRO A 154 -10.73 -49.63 12.92
N GLY A 155 -11.37 -49.00 11.94
CA GLY A 155 -11.80 -49.80 10.79
C GLY A 155 -10.63 -50.12 9.87
N GLY A 156 -10.86 -51.00 8.91
CA GLY A 156 -9.80 -51.32 7.94
C GLY A 156 -8.81 -52.29 8.52
N GLU A 157 -7.58 -52.24 8.02
CA GLU A 157 -6.54 -53.11 8.50
C GLU A 157 -5.30 -52.33 8.98
N LYS A 158 -4.63 -52.85 9.99
CA LYS A 158 -3.46 -52.18 10.49
C LYS A 158 -2.36 -52.36 9.43
N ILE A 159 -1.87 -51.27 8.88
CA ILE A 159 -0.84 -51.44 7.83
C ILE A 159 0.54 -51.03 8.24
N GLU A 160 0.69 -50.28 9.34
CA GLU A 160 2.03 -49.94 9.84
C GLU A 160 2.05 -49.16 11.13
N GLU A 161 3.25 -48.84 11.63
CA GLU A 161 3.33 -48.02 12.83
C GLU A 161 4.28 -46.85 12.53
N PHE A 162 3.99 -45.70 13.12
CA PHE A 162 4.80 -44.47 12.95
C PHE A 162 5.20 -43.95 14.34
N THR A 163 6.37 -43.32 14.46
CA THR A 163 6.77 -42.74 15.74
C THR A 163 6.54 -41.27 15.46
N ILE A 164 5.61 -40.68 16.20
CA ILE A 164 5.28 -39.28 16.04
C ILE A 164 5.28 -38.62 17.42
N PRO A 165 6.01 -37.51 17.56
CA PRO A 165 6.08 -36.81 18.85
C PRO A 165 4.85 -36.07 19.30
N PHE A 166 4.71 -35.91 20.61
CA PHE A 166 3.62 -35.09 21.12
C PHE A 166 3.95 -34.76 22.56
N VAL A 167 3.30 -33.74 23.07
CA VAL A 167 3.53 -33.30 24.45
C VAL A 167 2.40 -33.87 25.29
N LEU A 168 2.73 -34.81 26.17
CA LEU A 168 1.77 -35.45 27.05
C LEU A 168 1.93 -34.86 28.46
N ASN A 169 0.91 -34.17 28.98
CA ASN A 169 1.03 -33.59 30.32
C ASN A 169 2.32 -32.76 30.55
N GLY A 170 2.65 -31.94 29.56
CA GLY A 170 3.84 -31.13 29.67
C GLY A 170 5.15 -31.71 29.19
N GLU A 171 5.20 -33.02 29.00
CA GLU A 171 6.41 -33.68 28.57
C GLU A 171 6.47 -34.21 27.14
N SER A 172 7.51 -33.82 26.41
CA SER A 172 7.69 -34.30 25.05
C SER A 172 7.96 -35.78 25.08
N VAL A 173 7.15 -36.55 24.36
CA VAL A 173 7.33 -37.98 24.32
C VAL A 173 7.27 -38.34 22.86
N GLU A 174 7.68 -39.56 22.55
CA GLU A 174 7.66 -40.05 21.19
C GLU A 174 6.57 -41.12 21.21
N GLY A 175 5.39 -40.82 20.69
CA GLY A 175 4.37 -41.84 20.71
C GLY A 175 4.51 -42.80 19.54
N THR A 176 3.98 -44.01 19.74
CA THR A 176 3.95 -45.07 18.76
C THR A 176 2.48 -45.12 18.30
N TRP A 177 2.26 -44.88 17.02
CA TRP A 177 0.94 -44.81 16.43
C TRP A 177 0.68 -45.86 15.37
N GLU A 178 -0.35 -46.67 15.59
CA GLU A 178 -0.71 -47.69 14.62
C GLU A 178 -1.51 -47.04 13.50
N LEU A 179 -1.17 -47.33 12.24
CA LEU A 179 -1.98 -46.77 11.15
C LEU A 179 -2.88 -47.83 10.58
N TRP A 180 -4.19 -47.57 10.66
CA TRP A 180 -5.19 -48.47 10.16
C TRP A 180 -5.72 -47.80 8.91
N LEU A 181 -5.88 -48.56 7.84
CA LEU A 181 -6.38 -48.01 6.61
C LEU A 181 -7.54 -48.83 6.05
N ALA A 182 -8.57 -48.14 5.61
CA ALA A 182 -9.76 -48.77 5.04
C ALA A 182 -10.11 -48.04 3.79
N GLU A 183 -10.42 -48.79 2.75
CA GLU A 183 -10.77 -48.17 1.49
C GLU A 183 -12.25 -48.47 1.39
N TRP A 184 -13.05 -47.48 1.74
CA TRP A 184 -14.50 -47.61 1.71
C TRP A 184 -15.02 -46.67 0.64
N GLY A 185 -16.04 -45.90 0.99
CA GLY A 185 -16.63 -44.93 0.07
C GLY A 185 -15.67 -43.74 -0.09
N TRP A 186 -14.66 -43.69 0.78
CA TRP A 186 -13.62 -42.67 0.73
C TRP A 186 -12.54 -43.38 1.45
N ASP A 187 -11.37 -42.79 1.51
CA ASP A 187 -10.32 -43.45 2.23
C ASP A 187 -10.36 -43.07 3.72
N TYR A 188 -10.20 -44.07 4.58
CA TYR A 188 -10.22 -43.84 6.00
C TYR A 188 -8.84 -44.22 6.54
N LEU A 189 -8.19 -43.29 7.19
CA LEU A 189 -6.90 -43.53 7.82
C LEU A 189 -7.04 -43.17 9.27
N ALA A 190 -6.77 -44.14 10.14
CA ALA A 190 -6.82 -43.84 11.58
C ALA A 190 -5.46 -44.18 12.22
N PHE A 191 -4.90 -43.20 12.94
CA PHE A 191 -3.63 -43.33 13.66
C PHE A 191 -4.02 -43.54 15.12
N ARG A 192 -3.73 -44.70 15.69
CA ARG A 192 -4.14 -44.99 17.04
C ARG A 192 -2.94 -45.10 17.97
N LEU A 193 -2.89 -44.26 19.01
CA LEU A 193 -1.81 -44.29 19.96
C LEU A 193 -1.81 -45.67 20.63
N LYS A 194 -0.63 -46.32 20.69
CA LYS A 194 -0.58 -47.64 21.28
C LYS A 194 -0.64 -47.66 22.79
N ASP A 195 -0.40 -46.53 23.42
CA ASP A 195 -0.48 -46.41 24.88
C ASP A 195 -1.63 -45.46 25.07
N PRO A 196 -2.85 -45.97 25.03
CA PRO A 196 -4.00 -45.09 25.20
C PRO A 196 -4.04 -44.32 26.52
N VAL A 197 -4.50 -43.09 26.44
CA VAL A 197 -4.57 -42.24 27.59
C VAL A 197 -6.05 -41.81 27.76
N LYS A 198 -6.59 -42.07 28.94
CA LYS A 198 -7.98 -41.78 29.29
C LYS A 198 -8.19 -40.40 29.88
N LYS A 199 -7.12 -39.81 30.36
CA LYS A 199 -7.25 -38.51 31.00
C LYS A 199 -5.86 -37.88 30.96
N GLY A 200 -5.81 -36.63 30.54
CA GLY A 200 -4.53 -35.97 30.50
C GLY A 200 -4.61 -34.74 29.64
N ARG A 201 -3.44 -34.27 29.25
CA ARG A 201 -3.34 -33.07 28.44
C ARG A 201 -2.40 -33.39 27.31
N VAL A 202 -2.83 -33.08 26.09
CA VAL A 202 -1.99 -33.30 24.95
C VAL A 202 -1.79 -32.06 24.09
N LYS A 203 -0.64 -31.97 23.43
CA LYS A 203 -0.36 -30.84 22.52
C LYS A 203 0.42 -31.46 21.38
N PHE A 204 -0.04 -31.24 20.14
CA PHE A 204 0.65 -31.85 19.02
C PHE A 204 0.43 -31.09 17.73
N ASP A 205 1.18 -31.46 16.70
CA ASP A 205 1.09 -30.78 15.40
C ASP A 205 0.47 -31.75 14.41
N VAL A 206 -0.72 -31.37 13.94
CA VAL A 206 -1.47 -32.18 13.00
C VAL A 206 -0.66 -32.37 11.70
N ARG A 207 0.24 -31.43 11.43
CA ARG A 207 1.08 -31.54 10.24
C ARG A 207 1.85 -32.88 10.17
N HIS A 208 2.27 -33.41 11.32
CA HIS A 208 2.96 -34.69 11.35
C HIS A 208 2.06 -35.80 10.82
N PHE A 209 0.79 -35.76 11.20
CA PHE A 209 -0.13 -36.80 10.74
C PHE A 209 -0.46 -36.63 9.28
N LEU A 210 -0.49 -35.38 8.84
CA LEU A 210 -0.77 -35.16 7.44
C LEU A 210 0.40 -35.66 6.61
N ASP A 211 1.62 -35.45 7.12
CA ASP A 211 2.80 -35.89 6.38
C ASP A 211 2.81 -37.42 6.32
N ALA A 212 2.47 -38.06 7.42
CA ALA A 212 2.46 -39.50 7.42
C ALA A 212 1.35 -40.03 6.54
N ALA A 213 0.16 -39.41 6.55
CA ALA A 213 -0.92 -39.90 5.68
C ALA A 213 -0.55 -39.66 4.23
N GLY A 214 0.14 -38.55 3.94
CA GLY A 214 0.54 -38.27 2.56
C GLY A 214 1.44 -39.39 2.02
N LYS A 215 2.42 -39.82 2.81
CA LYS A 215 3.31 -40.89 2.35
C LYS A 215 2.52 -42.21 2.15
N ALA A 216 1.66 -42.56 3.11
CA ALA A 216 0.92 -43.81 3.01
C ALA A 216 -0.01 -43.78 1.83
N LEU A 217 -0.35 -42.58 1.38
CA LEU A 217 -1.25 -42.52 0.24
C LEU A 217 -0.54 -42.17 -1.05
N SER A 218 0.80 -42.08 -1.01
CA SER A 218 1.56 -41.68 -2.20
C SER A 218 1.30 -42.53 -3.46
N SER A 219 1.13 -43.85 -3.29
CA SER A 219 0.90 -44.75 -4.44
C SER A 219 -0.57 -45.00 -4.70
N SER A 220 -1.45 -44.38 -3.94
CA SER A 220 -2.86 -44.65 -4.11
C SER A 220 -3.38 -44.43 -5.49
N ALA A 221 -4.39 -45.21 -5.84
CA ALA A 221 -5.05 -45.06 -7.11
C ALA A 221 -6.39 -44.35 -6.90
N ARG A 222 -6.81 -44.14 -5.65
CA ARG A 222 -8.10 -43.48 -5.44
C ARG A 222 -7.89 -42.03 -5.04
N VAL A 223 -6.84 -41.83 -4.25
CA VAL A 223 -6.48 -40.52 -3.74
C VAL A 223 -5.25 -39.97 -4.47
N LYS A 224 -5.41 -38.86 -5.16
CA LYS A 224 -4.28 -38.25 -5.86
C LYS A 224 -4.15 -36.77 -5.51
N ASP A 225 -2.93 -36.26 -5.65
CA ASP A 225 -2.70 -34.86 -5.35
C ASP A 225 -3.17 -34.57 -3.89
N PHE A 226 -2.57 -35.32 -2.95
CA PHE A 226 -2.92 -35.20 -1.56
C PHE A 226 -2.83 -33.76 -1.05
N GLU A 227 -1.69 -33.11 -1.30
CA GLU A 227 -1.48 -31.73 -0.83
C GLU A 227 -2.43 -30.71 -1.45
N ASP A 228 -3.18 -31.10 -2.46
CA ASP A 228 -4.10 -30.15 -3.07
C ASP A 228 -5.48 -30.25 -2.45
N LEU A 229 -5.69 -31.27 -1.62
CA LEU A 229 -6.97 -31.45 -0.96
C LEU A 229 -7.23 -30.33 0.12
N TYR A 230 -8.50 -30.04 0.37
CA TYR A 230 -8.88 -29.03 1.37
C TYR A 230 -8.98 -29.69 2.73
N PHE A 231 -8.26 -29.13 3.70
CA PHE A 231 -8.30 -29.64 5.10
C PHE A 231 -9.50 -28.81 5.58
N THR A 232 -10.63 -29.47 5.81
CA THR A 232 -11.84 -28.73 6.08
C THR A 232 -12.17 -28.37 7.53
N VAL A 233 -11.72 -29.25 8.42
CA VAL A 233 -12.13 -29.14 9.81
C VAL A 233 -11.22 -29.94 10.74
N TRP A 234 -11.32 -29.65 12.05
CA TRP A 234 -10.63 -30.45 13.02
C TRP A 234 -11.67 -30.75 14.12
N GLU A 235 -12.09 -32.01 14.16
CA GLU A 235 -13.10 -32.52 15.10
C GLU A 235 -12.44 -33.23 16.27
N ILE A 236 -13.04 -33.08 17.45
CA ILE A 236 -12.51 -33.68 18.65
C ILE A 236 -13.76 -34.27 19.33
N GLY A 237 -13.74 -35.57 19.60
CA GLY A 237 -14.90 -36.18 20.23
C GLY A 237 -14.67 -37.61 20.62
N THR A 238 -15.76 -38.34 20.87
CA THR A 238 -15.65 -39.74 21.30
C THR A 238 -16.62 -40.62 20.53
N GLU A 239 -16.12 -41.49 19.67
CA GLU A 239 -17.05 -42.41 18.99
C GLU A 239 -17.46 -43.48 20.03
N PHE A 240 -18.65 -44.03 19.92
CA PHE A 240 -19.05 -45.06 20.84
C PHE A 240 -20.05 -46.01 20.19
N GLY A 241 -20.16 -47.18 20.82
CA GLY A 241 -21.10 -48.18 20.39
C GLY A 241 -20.68 -49.21 19.38
N SER A 242 -21.59 -50.14 19.15
CA SER A 242 -21.37 -51.25 18.20
C SER A 242 -22.77 -51.58 17.70
N PRO A 243 -22.88 -52.39 16.64
CA PRO A 243 -24.22 -52.72 16.13
C PRO A 243 -25.15 -53.39 17.16
N GLU A 244 -24.56 -54.08 18.13
CA GLU A 244 -25.35 -54.80 19.16
C GLU A 244 -25.70 -54.02 20.44
N THR A 245 -24.99 -52.93 20.71
CA THR A 245 -25.13 -52.17 21.96
C THR A 245 -26.51 -51.62 22.15
N LYS A 246 -27.16 -51.97 23.26
CA LYS A 246 -28.54 -51.49 23.49
C LYS A 246 -28.59 -50.30 24.45
N SER A 247 -27.48 -50.06 25.17
CA SER A 247 -27.45 -48.91 26.08
C SER A 247 -26.02 -48.33 26.16
N ALA A 248 -25.89 -47.13 26.68
CA ALA A 248 -24.54 -46.51 26.77
C ALA A 248 -24.53 -45.50 27.87
N GLN A 249 -23.50 -45.57 28.72
CA GLN A 249 -23.36 -44.60 29.79
C GLN A 249 -21.91 -44.17 29.79
N PHE A 250 -21.68 -42.90 29.50
CA PHE A 250 -20.34 -42.38 29.47
C PHE A 250 -20.41 -40.85 29.49
N GLY A 251 -19.27 -40.18 29.57
CA GLY A 251 -19.29 -38.73 29.50
C GLY A 251 -17.85 -38.27 29.49
N TRP A 252 -17.66 -36.97 29.25
CA TRP A 252 -16.33 -36.42 29.22
C TRP A 252 -16.32 -34.96 29.54
N LYS A 253 -15.09 -34.46 29.68
CA LYS A 253 -14.90 -33.03 29.90
C LYS A 253 -13.58 -32.66 29.16
N PHE A 254 -13.61 -31.57 28.40
CA PHE A 254 -12.43 -31.05 27.67
C PHE A 254 -12.21 -29.64 28.22
N GLU A 255 -10.97 -29.28 28.43
CA GLU A 255 -10.65 -27.93 28.91
C GLU A 255 -9.28 -27.51 28.32
N ASN A 256 -8.83 -26.31 28.66
CA ASN A 256 -7.50 -25.85 28.25
C ASN A 256 -7.27 -26.01 26.74
N PHE A 257 -8.26 -25.58 25.97
CA PHE A 257 -8.20 -25.68 24.52
C PHE A 257 -7.60 -24.49 23.75
N SER A 258 -6.66 -24.78 22.86
CA SER A 258 -6.11 -23.74 21.98
C SER A 258 -5.61 -24.39 20.70
N ILE A 259 -5.65 -23.66 19.61
CA ILE A 259 -5.16 -24.20 18.35
C ILE A 259 -4.46 -23.05 17.67
N ASP A 260 -3.51 -23.41 16.81
CA ASP A 260 -2.78 -22.40 16.04
C ASP A 260 -2.54 -22.93 14.64
N LEU A 261 -3.19 -22.35 13.66
CA LEU A 261 -2.97 -22.78 12.28
C LEU A 261 -2.08 -21.74 11.63
N GLU A 262 -0.90 -22.17 11.15
CA GLU A 262 0.03 -21.29 10.47
C GLU A 262 -0.07 -21.53 8.94
N VAL A 263 -0.53 -20.50 8.24
CA VAL A 263 -0.75 -20.50 6.80
C VAL A 263 0.47 -20.04 6.05
N ARG A 264 0.79 -20.72 4.95
CA ARG A 264 1.90 -20.32 4.07
C ARG A 264 1.33 -20.28 2.63
N GLU A 265 2.07 -19.71 1.68
CA GLU A 265 1.62 -19.74 0.26
C GLU A 265 1.60 -21.21 -0.29
N MET B 9 9.24 11.06 -11.00
CA MET B 9 9.11 9.60 -11.30
C MET B 9 9.07 9.25 -12.77
N VAL B 10 9.67 8.12 -13.11
CA VAL B 10 9.62 7.61 -14.45
C VAL B 10 9.35 6.11 -14.20
N LEU B 11 8.31 5.56 -14.83
CA LEU B 11 7.96 4.16 -14.68
C LEU B 11 7.68 3.59 -16.08
N MET B 12 8.33 2.48 -16.42
CA MET B 12 8.04 1.82 -17.70
C MET B 12 7.68 0.36 -17.43
N THR B 13 6.68 -0.15 -18.15
CA THR B 13 6.25 -1.53 -17.96
C THR B 13 6.19 -2.31 -19.29
N LYS B 14 6.80 -1.74 -20.32
CA LYS B 14 6.99 -2.53 -21.54
C LYS B 14 8.29 -1.96 -22.16
N PRO B 15 8.84 -2.66 -23.14
CA PRO B 15 10.07 -2.20 -23.78
C PRO B 15 10.03 -0.77 -24.24
N GLY B 16 11.16 -0.11 -24.15
CA GLY B 16 11.17 1.28 -24.55
C GLY B 16 12.24 2.04 -23.79
N THR B 17 12.42 3.32 -24.16
CA THR B 17 13.42 4.20 -23.56
C THR B 17 12.79 5.47 -22.96
N SER B 18 13.26 5.88 -21.80
CA SER B 18 12.80 7.15 -21.19
C SER B 18 14.02 7.91 -20.62
N ASP B 19 14.04 9.24 -20.71
CA ASP B 19 15.13 10.00 -20.11
C ASP B 19 14.75 10.48 -18.69
N PHE B 20 15.75 10.75 -17.85
CA PHE B 20 15.55 11.21 -16.47
C PHE B 20 16.80 11.97 -16.06
N VAL B 21 16.80 12.59 -14.88
CA VAL B 21 17.98 13.34 -14.41
C VAL B 21 18.13 12.88 -12.99
N TRP B 22 19.32 12.42 -12.65
CA TRP B 22 19.60 11.89 -11.35
C TRP B 22 20.82 12.61 -10.73
N ASN B 23 20.60 13.35 -9.62
CA ASN B 23 21.69 14.10 -8.98
C ASN B 23 22.30 15.08 -10.04
N GLY B 24 21.47 15.67 -10.89
CA GLY B 24 21.95 16.62 -11.86
C GLY B 24 22.54 15.94 -13.10
N ILE B 25 22.56 14.62 -13.12
CA ILE B 25 23.14 13.87 -14.30
C ILE B 25 22.02 13.40 -15.26
N PRO B 26 22.06 13.82 -16.53
CA PRO B 26 21.04 13.42 -17.54
C PRO B 26 21.36 11.97 -17.97
N LEU B 27 20.34 11.13 -17.92
CA LEU B 27 20.46 9.72 -18.26
C LEU B 27 19.25 9.22 -19.00
N SER B 28 19.38 8.01 -19.56
CA SER B 28 18.30 7.29 -20.27
C SER B 28 18.16 5.93 -19.60
N MET B 29 16.92 5.45 -19.42
CA MET B 29 16.70 4.11 -18.92
C MET B 29 16.07 3.39 -20.14
N GLU B 30 16.43 2.12 -20.34
CA GLU B 30 15.85 1.33 -21.43
C GLU B 30 15.43 -0.04 -20.88
N LEU B 31 14.13 -0.36 -20.99
CA LEU B 31 13.62 -1.64 -20.53
C LEU B 31 13.90 -2.43 -21.81
N ASN B 32 15.14 -2.91 -21.86
CA ASN B 32 15.73 -3.54 -23.06
C ASN B 32 15.56 -5.05 -23.14
N LEU B 33 14.64 -5.51 -24.00
CA LEU B 33 14.38 -6.94 -24.14
C LEU B 33 14.70 -7.22 -25.65
N TRP B 34 15.85 -6.70 -26.09
CA TRP B 34 16.22 -6.72 -27.47
C TRP B 34 16.19 -8.05 -28.23
N ASN B 35 16.52 -9.13 -27.58
CA ASN B 35 16.49 -10.40 -28.31
C ASN B 35 15.31 -11.31 -27.90
N ILE B 36 14.26 -10.72 -27.34
CA ILE B 36 13.08 -11.50 -26.97
C ILE B 36 12.01 -11.37 -28.09
N LYS B 37 11.48 -12.49 -28.58
CA LYS B 37 10.48 -12.44 -29.68
C LYS B 37 9.10 -12.34 -29.09
N GLU B 38 8.90 -13.05 -28.01
CA GLU B 38 7.62 -13.00 -27.34
C GLU B 38 7.79 -13.35 -25.90
N TYR B 39 6.88 -12.83 -25.10
CA TYR B 39 6.90 -13.11 -23.69
C TYR B 39 5.55 -12.77 -23.09
N SER B 40 5.29 -13.39 -21.95
CA SER B 40 4.08 -13.11 -21.19
C SER B 40 4.55 -12.68 -19.79
N GLY B 41 3.66 -12.09 -19.01
CA GLY B 41 4.11 -11.78 -17.66
C GLY B 41 4.36 -10.30 -17.45
N SER B 42 5.22 -9.97 -16.50
CA SER B 42 5.43 -8.56 -16.15
C SER B 42 6.87 -8.14 -16.02
N VAL B 43 7.10 -6.86 -16.39
CA VAL B 43 8.37 -6.17 -16.29
C VAL B 43 8.10 -4.75 -15.88
N ALA B 44 8.93 -4.22 -15.01
CA ALA B 44 8.76 -2.87 -14.55
C ALA B 44 10.10 -2.27 -14.19
N MET B 45 10.34 -1.08 -14.71
CA MET B 45 11.55 -0.34 -14.44
C MET B 45 11.14 1.06 -13.91
N LYS B 46 11.72 1.46 -12.79
CA LYS B 46 11.32 2.72 -12.18
C LYS B 46 12.50 3.55 -11.67
N PHE B 47 12.42 4.86 -11.89
CA PHE B 47 13.35 5.80 -11.33
C PHE B 47 12.49 6.68 -10.40
N ASP B 48 12.89 6.87 -9.14
CA ASP B 48 12.04 7.70 -8.23
C ASP B 48 12.75 8.95 -7.71
N GLY B 49 13.83 9.30 -8.35
CA GLY B 49 14.61 10.46 -7.92
C GLY B 49 15.79 10.04 -7.03
N GLU B 50 15.75 8.89 -6.39
CA GLU B 50 16.85 8.39 -5.57
C GLU B 50 17.44 7.03 -5.99
N LYS B 51 16.64 6.17 -6.60
CA LYS B 51 17.12 4.86 -7.01
C LYS B 51 16.44 4.44 -8.28
N ILE B 52 17.09 3.54 -9.03
CA ILE B 52 16.47 3.00 -10.23
C ILE B 52 16.33 1.51 -9.95
N THR B 53 15.14 0.98 -10.21
CA THR B 53 14.90 -0.42 -9.93
C THR B 53 14.31 -1.14 -11.12
N PHE B 54 14.49 -2.44 -11.13
CA PHE B 54 13.95 -3.25 -12.20
C PHE B 54 13.48 -4.56 -11.64
N ASP B 55 12.35 -5.04 -12.13
CA ASP B 55 11.89 -6.37 -11.72
C ASP B 55 11.26 -7.02 -12.91
N ALA B 56 11.45 -8.35 -13.03
CA ALA B 56 10.87 -9.12 -14.13
C ALA B 56 10.35 -10.41 -13.62
N ASP B 57 9.19 -10.82 -14.12
CA ASP B 57 8.64 -12.12 -13.77
C ASP B 57 7.95 -12.48 -15.06
N ILE B 58 8.73 -13.05 -15.98
CA ILE B 58 8.17 -13.32 -17.30
C ILE B 58 8.22 -14.78 -17.69
N GLN B 59 7.33 -15.18 -18.60
CA GLN B 59 7.26 -16.59 -19.04
C GLN B 59 7.10 -16.66 -20.57
N ASN B 60 6.94 -17.89 -21.10
CA ASN B 60 6.77 -18.18 -22.53
C ASN B 60 7.81 -17.46 -23.37
N LEU B 61 9.05 -17.50 -22.92
CA LEU B 61 10.12 -16.80 -23.65
C LEU B 61 10.69 -17.52 -24.87
N SER B 62 11.04 -16.77 -25.89
CA SER B 62 11.75 -17.34 -27.04
C SER B 62 12.55 -16.18 -27.60
N PRO B 63 13.76 -16.46 -28.09
CA PRO B 63 14.62 -15.43 -28.66
C PRO B 63 14.30 -15.08 -30.10
N LYS B 64 14.59 -13.85 -30.49
CA LYS B 64 14.44 -13.45 -31.89
C LYS B 64 15.53 -14.19 -32.74
N GLU B 65 16.77 -14.18 -32.23
CA GLU B 65 17.91 -14.80 -32.90
C GLU B 65 18.60 -15.65 -31.88
N PRO B 66 18.35 -16.97 -31.90
CA PRO B 66 18.98 -17.85 -30.93
C PRO B 66 20.50 -17.71 -30.85
N GLU B 67 21.15 -17.42 -31.98
CA GLU B 67 22.62 -17.34 -32.01
C GLU B 67 23.24 -16.26 -31.15
N ARG B 68 22.44 -15.24 -30.84
CA ARG B 68 22.90 -14.13 -30.01
C ARG B 68 22.94 -14.52 -28.52
N TYR B 69 22.43 -15.72 -28.21
CA TYR B 69 22.42 -16.32 -26.89
C TYR B 69 21.54 -15.63 -25.83
N VAL B 70 21.92 -14.42 -25.40
CA VAL B 70 21.12 -13.77 -24.33
C VAL B 70 19.78 -13.25 -24.86
N LEU B 71 18.87 -12.87 -23.94
CA LEU B 71 17.53 -12.41 -24.31
C LEU B 71 17.34 -10.91 -24.18
N GLY B 72 17.98 -10.30 -23.20
CA GLY B 72 17.82 -8.84 -23.02
C GLY B 72 18.90 -8.22 -22.13
N TYR B 73 18.78 -6.91 -21.90
CA TYR B 73 19.78 -6.18 -21.11
C TYR B 73 19.12 -4.93 -20.48
N PRO B 74 18.14 -5.11 -19.59
CA PRO B 74 17.54 -3.91 -18.97
C PRO B 74 18.66 -3.09 -18.37
N GLU B 75 18.63 -1.76 -18.57
CA GLU B 75 19.78 -0.94 -18.18
C GLU B 75 19.46 0.55 -18.11
N PHE B 76 20.44 1.34 -17.66
CA PHE B 76 20.31 2.78 -17.78
C PHE B 76 21.69 3.24 -18.31
N TYR B 77 21.75 4.42 -18.91
CA TYR B 77 23.05 4.87 -19.44
C TYR B 77 23.21 6.35 -19.51
N TYR B 78 24.49 6.75 -19.60
CA TYR B 78 24.89 8.14 -19.76
C TYR B 78 25.48 8.22 -21.16
N GLY B 79 25.01 9.16 -21.97
CA GLY B 79 25.52 9.29 -23.31
C GLY B 79 24.60 8.83 -24.43
N TYR B 80 25.22 8.55 -25.57
CA TYR B 80 24.51 8.22 -26.81
C TYR B 80 24.63 6.74 -27.11
N LYS B 81 23.50 6.03 -27.13
CA LYS B 81 23.52 4.60 -27.44
C LYS B 81 23.32 4.49 -28.95
N PRO B 82 24.37 4.03 -29.66
CA PRO B 82 24.26 3.93 -31.13
C PRO B 82 23.04 3.19 -31.63
N TRP B 83 22.83 1.99 -31.11
CA TRP B 83 21.73 1.12 -31.53
C TRP B 83 20.38 1.74 -31.50
N GLU B 84 20.15 2.69 -30.56
CA GLU B 84 18.83 3.32 -30.49
C GLU B 84 18.84 4.77 -30.96
N ASN B 85 20.01 5.23 -31.42
CA ASN B 85 20.16 6.61 -31.93
C ASN B 85 19.53 7.54 -30.90
N HIS B 86 20.00 7.38 -29.70
CA HIS B 86 19.39 8.11 -28.58
C HIS B 86 20.33 8.64 -27.55
N THR B 87 20.07 9.88 -27.12
CA THR B 87 20.83 10.44 -26.04
C THR B 87 19.90 11.42 -25.30
N ALA B 88 20.08 11.47 -24.01
CA ALA B 88 19.36 12.45 -23.20
C ALA B 88 20.05 13.79 -23.48
N GLU B 89 19.35 14.90 -23.18
CA GLU B 89 19.90 16.25 -23.35
C GLU B 89 20.97 16.57 -22.33
N GLY B 90 22.11 17.12 -22.75
CA GLY B 90 23.12 17.60 -21.81
C GLY B 90 24.23 16.65 -21.46
N SER B 91 24.39 15.57 -22.25
CA SER B 91 25.46 14.60 -21.93
C SER B 91 26.78 15.10 -22.51
N LYS B 92 27.88 14.88 -21.84
CA LYS B 92 29.17 15.32 -22.45
C LYS B 92 29.62 14.27 -23.53
N LEU B 93 29.08 13.06 -23.49
CA LEU B 93 29.48 12.03 -24.48
C LEU B 93 28.63 12.19 -25.75
N PRO B 94 29.13 11.69 -26.93
CA PRO B 94 30.41 10.99 -27.08
C PRO B 94 31.60 11.94 -27.09
N VAL B 95 32.78 11.42 -26.73
CA VAL B 95 34.05 12.17 -26.90
C VAL B 95 35.06 11.12 -27.41
N PRO B 96 36.13 11.55 -28.10
CA PRO B 96 37.10 10.57 -28.59
C PRO B 96 37.75 9.93 -27.37
N VAL B 97 38.12 8.66 -27.46
CA VAL B 97 38.80 8.02 -26.34
C VAL B 97 40.05 8.86 -25.94
N SER B 98 40.76 9.46 -26.91
CA SER B 98 41.98 10.22 -26.55
C SER B 98 41.67 11.43 -25.65
N SER B 99 40.44 11.92 -25.71
CA SER B 99 40.05 13.09 -24.91
C SER B 99 39.76 12.76 -23.44
N MET B 100 39.66 11.48 -23.12
CA MET B 100 39.32 11.07 -21.75
C MET B 100 40.52 10.91 -20.81
N LYS B 101 40.73 11.88 -19.93
CA LYS B 101 41.82 11.78 -18.96
C LYS B 101 41.39 10.72 -17.93
N SER B 102 40.13 10.77 -17.52
CA SER B 102 39.62 9.80 -16.57
C SER B 102 38.11 9.82 -16.67
N PHE B 103 37.50 8.76 -16.23
CA PHE B 103 36.05 8.65 -16.28
C PHE B 103 35.68 7.77 -15.09
N SER B 104 35.38 8.44 -13.97
CA SER B 104 35.10 7.71 -12.73
C SER B 104 33.61 7.38 -12.64
N VAL B 105 33.29 6.16 -12.30
CA VAL B 105 31.92 5.73 -12.17
C VAL B 105 31.77 5.14 -10.75
N GLU B 106 30.72 5.55 -10.05
CA GLU B 106 30.47 4.98 -8.71
C GLU B 106 28.99 4.61 -8.62
N VAL B 107 28.69 3.47 -8.04
CA VAL B 107 27.30 3.10 -7.90
C VAL B 107 27.18 1.95 -6.90
N SER B 108 26.04 1.94 -6.21
CA SER B 108 25.66 0.88 -5.29
C SER B 108 24.66 0.04 -6.04
N PHE B 109 24.69 -1.27 -5.83
CA PHE B 109 23.82 -2.17 -6.54
C PHE B 109 23.44 -3.36 -5.71
N ASP B 110 22.34 -3.99 -6.09
CA ASP B 110 21.84 -5.18 -5.41
C ASP B 110 21.12 -5.93 -6.51
N ILE B 111 21.63 -7.11 -6.86
CA ILE B 111 21.06 -7.93 -7.93
C ILE B 111 20.47 -9.19 -7.34
N HIS B 112 19.26 -9.55 -7.78
CA HIS B 112 18.61 -10.77 -7.29
C HIS B 112 18.02 -11.53 -8.47
N HIS B 113 18.04 -12.86 -8.42
CA HIS B 113 17.56 -13.66 -9.52
C HIS B 113 17.26 -15.09 -9.10
N GLU B 114 16.37 -15.76 -9.79
CA GLU B 114 16.14 -17.16 -9.46
C GLU B 114 17.51 -17.83 -9.65
N PRO B 115 17.77 -18.91 -8.91
CA PRO B 115 19.08 -19.56 -9.03
C PRO B 115 19.65 -20.05 -10.33
N SER B 116 18.84 -20.58 -11.23
CA SER B 116 19.39 -21.11 -12.47
C SER B 116 19.49 -20.08 -13.61
N LEU B 117 18.98 -18.88 -13.41
CA LEU B 117 18.95 -17.91 -14.51
C LEU B 117 20.30 -17.36 -15.02
N PRO B 118 20.58 -17.56 -16.31
CA PRO B 118 21.86 -17.03 -16.86
C PRO B 118 21.70 -15.51 -16.75
N LEU B 119 22.69 -14.88 -16.16
CA LEU B 119 22.64 -13.47 -15.93
C LEU B 119 23.98 -12.85 -15.60
N ASN B 120 24.08 -11.56 -15.90
CA ASN B 120 25.22 -10.85 -15.45
C ASN B 120 24.82 -9.44 -15.00
N PHE B 121 25.75 -8.77 -14.30
CA PHE B 121 25.58 -7.36 -13.96
C PHE B 121 26.81 -6.82 -14.72
N ALA B 122 26.54 -6.10 -15.79
CA ALA B 122 27.60 -5.63 -16.65
C ALA B 122 27.42 -4.21 -17.13
N MET B 123 28.54 -3.51 -17.21
CA MET B 123 28.54 -2.17 -17.72
C MET B 123 29.20 -2.25 -19.11
N GLU B 124 28.90 -1.30 -19.99
CA GLU B 124 29.57 -1.38 -21.31
C GLU B 124 29.56 -0.07 -22.08
N THR B 125 30.46 0.01 -23.07
CA THR B 125 30.52 1.17 -23.89
C THR B 125 30.63 0.62 -25.35
N TRP B 126 30.34 1.50 -26.30
CA TRP B 126 30.45 1.22 -27.73
C TRP B 126 31.45 2.26 -28.25
N LEU B 127 32.55 1.77 -28.83
CA LEU B 127 33.58 2.66 -29.37
C LEU B 127 33.37 2.59 -30.88
N THR B 128 33.04 3.74 -31.46
CA THR B 128 32.72 3.78 -32.87
C THR B 128 33.61 4.75 -33.64
N ARG B 129 33.86 4.43 -34.91
CA ARG B 129 34.69 5.30 -35.73
C ARG B 129 34.06 6.68 -35.93
N GLU B 130 32.77 6.75 -36.23
CA GLU B 130 32.14 8.05 -36.37
C GLU B 130 31.36 8.36 -35.07
N LYS B 131 31.08 9.63 -34.83
CA LYS B 131 30.45 10.02 -33.58
C LYS B 131 29.02 9.48 -33.30
N TYR B 132 28.15 9.52 -34.30
CA TYR B 132 26.77 9.08 -34.11
C TYR B 132 26.31 7.99 -35.11
N GLN B 133 26.93 6.81 -35.04
CA GLN B 133 26.53 5.70 -35.88
C GLN B 133 25.23 5.17 -35.26
N THR B 134 24.47 4.42 -36.04
CA THR B 134 23.21 3.82 -35.58
C THR B 134 23.39 2.33 -35.44
N GLU B 135 24.64 1.90 -35.53
CA GLU B 135 25.02 0.48 -35.34
C GLU B 135 26.53 0.41 -35.24
N ALA B 136 27.06 -0.75 -34.84
CA ALA B 136 28.49 -0.97 -34.77
C ALA B 136 28.80 -2.01 -35.85
N SER B 137 29.95 -1.91 -36.47
CA SER B 137 30.34 -2.91 -37.47
C SER B 137 31.84 -3.07 -37.42
N ILE B 138 32.44 -3.68 -38.46
CA ILE B 138 33.88 -3.89 -38.45
C ILE B 138 34.72 -2.64 -38.23
N GLY B 139 35.59 -2.66 -37.24
CA GLY B 139 36.41 -1.47 -36.94
C GLY B 139 35.94 -0.82 -35.60
N ASP B 140 34.76 -1.25 -35.13
CA ASP B 140 34.16 -0.72 -33.89
C ASP B 140 34.37 -1.73 -32.79
N VAL B 141 34.15 -1.30 -31.53
CA VAL B 141 34.41 -2.19 -30.41
C VAL B 141 33.29 -2.05 -29.35
N CYS B 142 32.94 -3.17 -28.75
CA CYS B 142 32.03 -3.17 -27.64
C CYS B 142 32.91 -3.58 -26.47
N ILE B 143 32.96 -2.77 -25.42
CA ILE B 143 33.72 -3.22 -24.24
C ILE B 143 32.80 -3.37 -23.05
N MET B 144 32.79 -4.55 -22.44
CA MET B 144 31.97 -4.80 -21.26
C MET B 144 32.79 -5.03 -19.99
N VAL B 145 32.23 -4.65 -18.83
CA VAL B 145 32.85 -4.89 -17.52
C VAL B 145 31.80 -5.64 -16.68
N TRP B 146 32.04 -6.93 -16.42
CA TRP B 146 31.17 -7.79 -15.67
C TRP B 146 31.56 -7.88 -14.20
N PHE B 147 30.80 -7.23 -13.32
CA PHE B 147 31.08 -7.32 -11.88
C PHE B 147 30.42 -8.59 -11.28
N TYR B 148 29.42 -9.14 -11.94
CA TYR B 148 28.77 -10.33 -11.42
C TYR B 148 28.26 -11.17 -12.58
N PHE B 149 28.02 -12.46 -12.32
CA PHE B 149 27.51 -13.34 -13.34
C PHE B 149 27.04 -14.55 -12.61
N ASN B 150 26.10 -15.24 -13.28
CA ASN B 150 25.47 -16.46 -12.79
C ASN B 150 25.16 -17.29 -14.02
N ASN B 151 25.74 -18.48 -14.10
CA ASN B 151 25.43 -19.40 -15.18
C ASN B 151 25.57 -18.75 -16.53
N LEU B 152 26.63 -18.00 -16.70
CA LEU B 152 26.77 -17.33 -18.00
C LEU B 152 28.25 -17.01 -18.21
N THR B 153 28.73 -17.32 -19.42
CA THR B 153 30.12 -17.09 -19.78
C THR B 153 30.11 -16.03 -20.87
N PRO B 154 31.14 -15.16 -20.89
CA PRO B 154 31.21 -14.14 -21.91
C PRO B 154 31.36 -14.83 -23.27
N GLY B 155 31.17 -14.07 -24.34
CA GLY B 155 31.32 -14.66 -25.65
C GLY B 155 32.80 -14.67 -26.01
N GLY B 156 33.17 -15.37 -27.08
CA GLY B 156 34.56 -15.37 -27.50
C GLY B 156 35.41 -16.34 -26.71
N GLU B 157 36.67 -15.99 -26.51
CA GLU B 157 37.56 -16.85 -25.74
C GLU B 157 38.39 -16.03 -24.82
N LYS B 158 38.82 -16.62 -23.70
CA LYS B 158 39.60 -15.87 -22.73
C LYS B 158 40.97 -15.70 -23.28
N ILE B 159 41.44 -14.48 -23.49
CA ILE B 159 42.78 -14.36 -24.03
C ILE B 159 43.85 -13.94 -23.03
N GLU B 160 43.46 -13.32 -21.92
CA GLU B 160 44.39 -12.91 -20.89
C GLU B 160 43.70 -12.35 -19.65
N GLU B 161 44.46 -12.09 -18.62
CA GLU B 161 43.89 -11.51 -17.42
C GLU B 161 44.62 -10.25 -17.07
N PHE B 162 43.92 -9.30 -16.49
CA PHE B 162 44.53 -8.05 -16.11
C PHE B 162 44.25 -7.76 -14.62
N THR B 163 45.18 -7.13 -13.94
CA THR B 163 44.89 -6.75 -12.57
C THR B 163 44.46 -5.28 -12.68
N ILE B 164 43.25 -4.98 -12.27
CA ILE B 164 42.77 -3.59 -12.38
C ILE B 164 42.08 -3.24 -11.06
N PRO B 165 42.57 -2.22 -10.36
CA PRO B 165 42.04 -1.74 -9.08
C PRO B 165 40.65 -1.12 -9.15
N PHE B 166 39.91 -1.25 -8.07
CA PHE B 166 38.62 -0.58 -7.95
C PHE B 166 38.36 -0.49 -6.45
N VAL B 167 37.44 0.37 -6.05
CA VAL B 167 37.09 0.57 -4.64
C VAL B 167 35.81 -0.22 -4.41
N LEU B 168 35.89 -1.25 -3.55
CA LEU B 168 34.78 -2.14 -3.20
C LEU B 168 34.34 -1.85 -1.79
N ASN B 169 33.15 -1.26 -1.66
CA ASN B 169 32.59 -0.89 -0.36
C ASN B 169 33.59 -0.03 0.41
N GLY B 170 34.21 0.94 -0.27
CA GLY B 170 35.13 1.83 0.40
C GLY B 170 36.57 1.38 0.46
N GLU B 171 36.85 0.11 0.18
CA GLU B 171 38.25 -0.38 0.23
C GLU B 171 38.88 -0.57 -1.16
N SER B 172 40.11 -0.10 -1.38
CA SER B 172 40.75 -0.30 -2.68
C SER B 172 41.09 -1.76 -2.79
N VAL B 173 40.65 -2.39 -3.86
CA VAL B 173 40.86 -3.81 -4.11
C VAL B 173 41.67 -3.92 -5.40
N GLU B 174 42.34 -5.03 -5.62
CA GLU B 174 43.07 -5.21 -6.87
C GLU B 174 42.28 -6.35 -7.49
N GLY B 175 41.34 -6.02 -8.36
CA GLY B 175 40.54 -7.08 -8.96
C GLY B 175 41.29 -7.79 -10.07
N THR B 176 41.02 -9.09 -10.22
CA THR B 176 41.64 -9.83 -11.30
C THR B 176 40.54 -9.99 -12.33
N TRP B 177 40.80 -9.53 -13.57
CA TRP B 177 39.78 -9.60 -14.65
C TRP B 177 40.17 -10.43 -15.84
N GLU B 178 39.28 -11.34 -16.22
CA GLU B 178 39.46 -12.20 -17.38
C GLU B 178 39.06 -11.37 -18.61
N LEU B 179 39.91 -11.31 -19.65
CA LEU B 179 39.54 -10.58 -20.84
C LEU B 179 39.11 -11.61 -21.87
N TRP B 180 37.84 -11.53 -22.25
CA TRP B 180 37.25 -12.44 -23.22
C TRP B 180 37.13 -11.65 -24.50
N LEU B 181 37.55 -12.25 -25.63
CA LEU B 181 37.48 -11.52 -26.84
C LEU B 181 36.84 -12.25 -27.99
N ALA B 182 36.06 -11.54 -28.81
CA ALA B 182 35.45 -12.19 -29.97
C ALA B 182 35.41 -11.21 -31.10
N GLU B 183 35.62 -11.71 -32.31
CA GLU B 183 35.55 -10.84 -33.46
C GLU B 183 34.34 -11.29 -34.21
N TRP B 184 33.28 -10.51 -34.12
CA TRP B 184 32.01 -10.81 -34.79
C TRP B 184 31.78 -9.71 -35.81
N GLY B 185 30.57 -9.19 -35.81
CA GLY B 185 30.24 -8.10 -36.69
C GLY B 185 30.99 -6.87 -36.24
N TRP B 186 31.51 -6.90 -35.01
CA TRP B 186 32.36 -5.83 -34.48
C TRP B 186 33.20 -6.60 -33.48
N ASP B 187 34.15 -5.92 -32.84
CA ASP B 187 34.97 -6.60 -31.84
C ASP B 187 34.31 -6.51 -30.45
N TYR B 188 34.21 -7.66 -29.79
CA TYR B 188 33.61 -7.73 -28.48
C TYR B 188 34.68 -8.05 -27.47
N LEU B 189 34.81 -7.19 -26.43
CA LEU B 189 35.78 -7.39 -25.36
C LEU B 189 35.02 -7.38 -24.02
N ALA B 190 35.08 -8.44 -23.26
CA ALA B 190 34.39 -8.44 -21.96
C ALA B 190 35.43 -8.74 -20.86
N PHE B 191 35.55 -7.85 -19.88
CA PHE B 191 36.43 -8.04 -18.73
C PHE B 191 35.52 -8.62 -17.66
N ARG B 192 35.79 -9.84 -17.21
CA ARG B 192 34.96 -10.48 -16.19
C ARG B 192 35.67 -10.61 -14.87
N LEU B 193 35.08 -10.04 -13.84
CA LEU B 193 35.68 -10.11 -12.53
C LEU B 193 35.66 -11.57 -12.07
N LYS B 194 36.83 -12.04 -11.67
CA LYS B 194 36.98 -13.45 -11.23
C LYS B 194 36.28 -13.82 -9.89
N ASP B 195 36.14 -12.86 -8.98
CA ASP B 195 35.49 -13.02 -7.65
C ASP B 195 34.28 -12.05 -7.80
N PRO B 196 33.21 -12.52 -8.45
CA PRO B 196 32.04 -11.66 -8.66
C PRO B 196 31.38 -11.10 -7.40
N VAL B 197 30.76 -9.92 -7.54
CA VAL B 197 30.11 -9.22 -6.42
C VAL B 197 28.62 -9.04 -6.80
N LYS B 198 27.73 -9.62 -6.02
CA LYS B 198 26.32 -9.56 -6.31
C LYS B 198 25.62 -8.34 -5.70
N LYS B 199 26.24 -7.76 -4.71
CA LYS B 199 25.70 -6.62 -3.99
C LYS B 199 26.79 -5.81 -3.32
N GLY B 200 26.77 -4.50 -3.46
CA GLY B 200 27.80 -3.72 -2.81
C GLY B 200 27.90 -2.36 -3.43
N ARG B 201 29.02 -1.71 -3.23
CA ARG B 201 29.21 -0.38 -3.80
C ARG B 201 30.56 -0.38 -4.52
N VAL B 202 30.62 0.10 -5.77
CA VAL B 202 31.91 0.12 -6.46
C VAL B 202 32.20 1.48 -7.08
N LYS B 203 33.48 1.85 -7.10
CA LYS B 203 33.91 3.11 -7.71
C LYS B 203 35.20 2.71 -8.47
N PHE B 204 35.29 3.15 -9.74
CA PHE B 204 36.45 2.79 -10.53
C PHE B 204 36.63 3.71 -11.70
N ASP B 205 37.79 3.64 -12.33
CA ASP B 205 38.05 4.55 -13.47
C ASP B 205 38.00 3.75 -14.78
N VAL B 206 37.03 4.09 -15.62
CA VAL B 206 36.85 3.40 -16.86
C VAL B 206 38.09 3.51 -17.72
N ARG B 207 38.85 4.59 -17.54
CA ARG B 207 40.10 4.69 -18.33
C ARG B 207 41.02 3.46 -18.16
N HIS B 208 41.01 2.80 -16.99
CA HIS B 208 41.86 1.62 -16.80
C HIS B 208 41.48 0.53 -17.75
N PHE B 209 40.18 0.39 -17.98
CA PHE B 209 39.71 -0.64 -18.87
C PHE B 209 39.96 -0.27 -20.31
N LEU B 210 39.86 1.03 -20.62
CA LEU B 210 40.14 1.48 -21.95
C LEU B 210 41.65 1.23 -22.24
N ASP B 211 42.52 1.52 -21.27
CA ASP B 211 43.96 1.26 -21.47
C ASP B 211 44.23 -0.22 -21.73
N ALA B 212 43.63 -1.09 -20.93
CA ALA B 212 43.82 -2.51 -21.12
C ALA B 212 43.26 -2.97 -22.46
N ALA B 213 42.10 -2.47 -22.88
CA ALA B 213 41.51 -2.88 -24.16
C ALA B 213 42.41 -2.44 -25.32
N GLY B 214 42.93 -1.20 -25.25
CA GLY B 214 43.80 -0.64 -26.28
C GLY B 214 45.04 -1.54 -26.48
N LYS B 215 45.64 -2.01 -25.39
CA LYS B 215 46.82 -2.90 -25.48
C LYS B 215 46.45 -4.21 -26.13
N ALA B 216 45.36 -4.77 -25.67
CA ALA B 216 44.90 -6.05 -26.19
C ALA B 216 44.59 -5.95 -27.68
N LEU B 217 44.21 -4.78 -28.14
CA LEU B 217 43.84 -4.60 -29.54
C LEU B 217 44.98 -3.97 -30.37
N SER B 218 46.14 -3.85 -29.75
CA SER B 218 47.28 -3.21 -30.36
C SER B 218 47.66 -3.76 -31.76
N SER B 219 47.59 -5.07 -31.92
CA SER B 219 47.94 -5.64 -33.20
C SER B 219 46.69 -6.16 -33.96
N SER B 220 45.50 -5.63 -33.65
CA SER B 220 44.27 -6.09 -34.34
C SER B 220 44.29 -5.67 -35.80
N ALA B 221 43.70 -6.51 -36.65
CA ALA B 221 43.61 -6.23 -38.07
C ALA B 221 42.35 -5.43 -38.36
N ARG B 222 41.37 -5.54 -37.47
CA ARG B 222 40.08 -4.90 -37.67
C ARG B 222 39.93 -3.54 -36.99
N VAL B 223 40.49 -3.41 -35.81
CA VAL B 223 40.42 -2.17 -35.04
C VAL B 223 41.73 -1.39 -35.15
N LYS B 224 41.67 -0.21 -35.74
CA LYS B 224 42.85 0.62 -35.86
C LYS B 224 42.60 1.97 -35.15
N ASP B 225 43.68 2.61 -34.72
CA ASP B 225 43.60 3.94 -34.11
C ASP B 225 42.56 3.91 -32.98
N PHE B 226 42.73 2.97 -32.08
CA PHE B 226 41.82 2.80 -30.97
C PHE B 226 41.55 4.13 -30.24
N GLU B 227 42.61 4.91 -30.00
CA GLU B 227 42.42 6.18 -29.28
C GLU B 227 41.59 7.25 -30.04
N ASP B 228 41.39 7.04 -31.33
CA ASP B 228 40.58 7.98 -32.13
C ASP B 228 39.08 7.61 -32.13
N LEU B 229 38.73 6.42 -31.69
CA LEU B 229 37.32 6.00 -31.71
C LEU B 229 36.56 6.87 -30.71
N TYR B 230 35.26 7.00 -30.92
CA TYR B 230 34.40 7.79 -30.01
C TYR B 230 33.89 6.87 -28.89
N PHE B 231 34.03 7.29 -27.63
CA PHE B 231 33.52 6.55 -26.48
C PHE B 231 32.10 7.17 -26.43
N THR B 232 31.10 6.40 -26.85
CA THR B 232 29.78 6.98 -27.02
C THR B 232 28.85 7.04 -25.82
N VAL B 233 29.04 6.10 -24.93
CA VAL B 233 28.06 5.88 -23.85
C VAL B 233 28.64 5.03 -22.76
N TRP B 234 27.98 5.03 -21.60
CA TRP B 234 28.36 4.14 -20.53
C TRP B 234 27.01 3.58 -20.06
N GLU B 235 26.83 2.29 -20.30
CA GLU B 235 25.60 1.56 -19.97
C GLU B 235 25.83 0.69 -18.74
N ILE B 236 24.81 0.60 -17.91
CA ILE B 236 24.88 -0.19 -16.70
C ILE B 236 23.60 -1.01 -16.62
N GLY B 237 23.72 -2.32 -16.54
CA GLY B 237 22.53 -3.15 -16.51
C GLY B 237 22.83 -4.61 -16.29
N THR B 238 21.90 -5.46 -16.67
CA THR B 238 22.05 -6.90 -16.45
C THR B 238 21.63 -7.70 -17.66
N GLU B 239 22.58 -8.38 -18.32
CA GLU B 239 22.15 -9.24 -19.41
C GLU B 239 21.48 -10.46 -18.79
N PHE B 240 20.58 -11.08 -19.51
CA PHE B 240 20.00 -12.31 -18.95
C PHE B 240 19.47 -13.20 -20.06
N GLY B 241 19.35 -14.50 -19.74
CA GLY B 241 18.79 -15.41 -20.70
C GLY B 241 19.78 -16.25 -21.49
N SER B 242 19.22 -17.27 -22.13
CA SER B 242 19.98 -18.17 -23.00
C SER B 242 18.90 -18.71 -23.93
N PRO B 243 19.29 -19.45 -24.98
CA PRO B 243 18.35 -20.01 -25.96
C PRO B 243 17.28 -20.94 -25.38
N GLU B 244 17.64 -21.56 -24.25
CA GLU B 244 16.78 -22.53 -23.58
C GLU B 244 16.04 -21.97 -22.38
N THR B 245 16.21 -20.66 -22.11
CA THR B 245 15.52 -20.02 -20.97
C THR B 245 14.08 -19.71 -21.40
N LYS B 246 13.12 -20.37 -20.77
CA LYS B 246 11.68 -20.19 -21.07
C LYS B 246 10.95 -19.19 -20.15
N SER B 247 11.53 -18.95 -18.98
CA SER B 247 10.94 -17.99 -18.05
C SER B 247 12.09 -17.31 -17.28
N ALA B 248 11.83 -16.12 -16.72
CA ALA B 248 12.85 -15.43 -15.96
C ALA B 248 12.22 -14.56 -14.87
N GLN B 249 12.82 -14.64 -13.68
CA GLN B 249 12.36 -13.88 -12.49
C GLN B 249 13.64 -13.37 -11.87
N PHE B 250 13.79 -12.05 -11.91
CA PHE B 250 14.98 -11.43 -11.39
C PHE B 250 14.72 -9.92 -11.30
N GLY B 251 15.65 -9.24 -10.63
CA GLY B 251 15.55 -7.80 -10.53
C GLY B 251 16.81 -7.16 -9.99
N TRP B 252 16.80 -5.84 -9.91
CA TRP B 252 17.93 -5.13 -9.41
C TRP B 252 17.55 -3.74 -8.92
N LYS B 253 18.48 -3.18 -8.14
CA LYS B 253 18.34 -1.81 -7.62
C LYS B 253 19.70 -1.14 -7.67
N PHE B 254 19.75 0.08 -8.23
CA PHE B 254 20.97 0.89 -8.31
C PHE B 254 20.71 2.18 -7.55
N GLU B 255 21.71 2.59 -6.76
CA GLU B 255 21.60 3.81 -5.96
C GLU B 255 22.98 4.45 -5.85
N ASN B 256 23.04 5.64 -5.22
CA ASN B 256 24.33 6.32 -4.94
C ASN B 256 25.14 6.43 -6.23
N PHE B 257 24.54 6.95 -7.28
CA PHE B 257 25.22 6.98 -8.57
C PHE B 257 25.95 8.29 -8.84
N SER B 258 27.21 8.22 -9.30
CA SER B 258 27.90 9.45 -9.64
C SER B 258 28.92 9.16 -10.75
N ILE B 259 29.17 10.16 -11.60
CA ILE B 259 30.15 9.92 -12.64
C ILE B 259 30.93 11.18 -12.84
N ASP B 260 32.16 11.02 -13.30
CA ASP B 260 32.95 12.20 -13.50
C ASP B 260 33.89 12.00 -14.70
N LEU B 261 33.57 12.66 -15.81
CA LEU B 261 34.40 12.62 -17.02
C LEU B 261 35.36 13.83 -16.96
N GLU B 262 36.67 13.57 -17.01
CA GLU B 262 37.64 14.67 -17.04
C GLU B 262 38.21 14.65 -18.46
N VAL B 263 38.02 15.76 -19.17
CA VAL B 263 38.38 15.89 -20.59
C VAL B 263 39.71 16.58 -20.70
N ARG B 264 40.52 16.19 -21.69
CA ARG B 264 41.81 16.87 -21.97
C ARG B 264 41.94 17.21 -23.50
N MET C 9 -22.12 53.26 -2.38
CA MET C 9 -22.06 51.84 -2.86
C MET C 9 -21.00 51.61 -3.94
N VAL C 10 -20.13 50.62 -3.72
CA VAL C 10 -19.11 50.29 -4.71
C VAL C 10 -19.45 48.88 -5.19
N LEU C 11 -19.66 48.68 -6.49
CA LEU C 11 -19.97 47.35 -7.03
C LEU C 11 -19.05 47.04 -8.25
N MET C 12 -18.47 45.85 -8.26
CA MET C 12 -17.61 45.42 -9.39
C MET C 12 -18.09 44.02 -9.77
N THR C 13 -18.16 43.77 -11.06
CA THR C 13 -18.59 42.47 -11.53
C THR C 13 -17.60 41.88 -12.56
N LYS C 14 -16.37 42.37 -12.53
CA LYS C 14 -15.28 41.88 -13.34
C LYS C 14 -13.98 42.27 -12.58
N PRO C 15 -12.86 41.65 -12.93
CA PRO C 15 -11.55 41.90 -12.30
C PRO C 15 -11.19 43.37 -12.30
N GLY C 16 -10.61 43.85 -11.21
CA GLY C 16 -10.24 45.24 -11.15
C GLY C 16 -10.16 45.69 -9.71
N THR C 17 -9.82 46.95 -9.51
CA THR C 17 -9.62 47.49 -8.18
C THR C 17 -10.42 48.74 -8.00
N SER C 18 -10.97 48.94 -6.81
CA SER C 18 -11.72 50.14 -6.46
C SER C 18 -11.38 50.54 -5.01
N ASP C 19 -11.29 51.83 -4.78
CA ASP C 19 -11.02 52.33 -3.43
C ASP C 19 -12.34 52.65 -2.71
N PHE C 20 -12.30 52.61 -1.40
CA PHE C 20 -13.47 52.94 -0.62
C PHE C 20 -13.00 53.39 0.74
N VAL C 21 -13.95 53.84 1.56
CA VAL C 21 -13.64 54.25 2.91
C VAL C 21 -14.65 53.54 3.79
N TRP C 22 -14.16 52.88 4.81
CA TRP C 22 -15.03 52.15 5.69
C TRP C 22 -14.69 52.63 7.10
N ASN C 23 -15.65 53.32 7.72
CA ASN C 23 -15.45 53.85 9.07
C ASN C 23 -14.19 54.72 9.15
N GLY C 24 -14.04 55.63 8.21
CA GLY C 24 -12.87 56.47 8.20
C GLY C 24 -11.63 55.75 7.67
N ILE C 25 -11.64 54.41 7.57
CA ILE C 25 -10.45 53.66 7.08
C ILE C 25 -10.40 53.58 5.55
N PRO C 26 -9.39 54.21 4.91
CA PRO C 26 -9.29 54.16 3.44
C PRO C 26 -8.77 52.77 3.07
N LEU C 27 -9.42 52.18 2.07
CA LEU C 27 -9.14 50.80 1.69
C LEU C 27 -9.32 50.62 0.17
N SER C 28 -8.88 49.45 -0.32
CA SER C 28 -9.01 49.07 -1.73
C SER C 28 -9.62 47.68 -1.78
N MET C 29 -10.51 47.44 -2.73
CA MET C 29 -11.03 46.10 -2.82
C MET C 29 -10.56 45.66 -4.19
N GLU C 30 -10.17 44.41 -4.30
CA GLU C 30 -9.69 43.90 -5.60
C GLU C 30 -10.40 42.58 -5.96
N LEU C 31 -11.15 42.58 -7.07
CA LEU C 31 -11.82 41.36 -7.51
C LEU C 31 -10.70 40.69 -8.27
N ASN C 32 -9.89 40.01 -7.47
CA ASN C 32 -8.65 39.45 -7.92
C ASN C 32 -8.72 38.01 -8.42
N LEU C 33 -8.61 37.83 -9.74
CA LEU C 33 -8.66 36.49 -10.33
C LEU C 33 -7.33 36.35 -11.06
N TRP C 34 -6.26 36.70 -10.35
CA TRP C 34 -4.95 36.74 -10.93
C TRP C 34 -4.45 35.50 -11.69
N ASN C 35 -4.92 34.29 -11.37
CA ASN C 35 -4.44 33.11 -12.12
C ASN C 35 -5.56 32.43 -12.91
N ILE C 36 -6.57 33.19 -13.31
CA ILE C 36 -7.65 32.60 -14.10
C ILE C 36 -7.46 33.04 -15.53
N LYS C 37 -7.40 32.06 -16.43
CA LYS C 37 -7.18 32.35 -17.85
C LYS C 37 -8.55 32.59 -18.47
N GLU C 38 -9.52 31.82 -18.02
CA GLU C 38 -10.84 32.02 -18.55
C GLU C 38 -11.87 31.48 -17.61
N TYR C 39 -13.03 32.11 -17.65
CA TYR C 39 -14.14 31.68 -16.82
C TYR C 39 -15.37 32.22 -17.47
N SER C 40 -16.51 31.69 -17.04
CA SER C 40 -17.81 32.11 -17.52
C SER C 40 -18.55 32.18 -16.23
N GLY C 41 -19.69 32.80 -16.23
CA GLY C 41 -20.44 32.88 -15.02
C GLY C 41 -20.27 34.27 -14.43
N SER C 42 -20.61 34.37 -13.16
CA SER C 42 -20.61 35.62 -12.46
C SER C 42 -19.69 35.79 -11.25
N VAL C 43 -19.18 37.01 -11.10
CA VAL C 43 -18.43 37.39 -9.90
C VAL C 43 -18.98 38.77 -9.57
N ALA C 44 -19.10 39.07 -8.28
CA ALA C 44 -19.61 40.36 -7.87
C ALA C 44 -19.06 40.67 -6.49
N MET C 45 -18.53 41.87 -6.33
CA MET C 45 -17.95 42.30 -5.08
C MET C 45 -18.61 43.61 -4.75
N LYS C 46 -19.10 43.75 -3.51
CA LYS C 46 -19.81 44.95 -3.17
C LYS C 46 -19.54 45.52 -1.80
N PHE C 47 -19.38 46.82 -1.73
CA PHE C 47 -19.24 47.46 -0.44
C PHE C 47 -20.47 48.38 -0.31
N ASP C 48 -21.21 48.26 0.77
CA ASP C 48 -22.42 49.08 0.94
C ASP C 48 -22.33 50.14 2.04
N GLY C 49 -21.16 50.26 2.64
CA GLY C 49 -20.96 51.23 3.69
C GLY C 49 -20.81 50.58 5.06
N GLU C 50 -21.30 49.36 5.21
CA GLU C 50 -21.21 48.67 6.48
C GLU C 50 -20.64 47.27 6.34
N LYS C 51 -20.58 46.77 5.11
CA LYS C 51 -20.01 45.44 4.96
C LYS C 51 -19.52 45.24 3.53
N ILE C 52 -18.59 44.33 3.35
CA ILE C 52 -18.08 44.10 1.98
C ILE C 52 -18.34 42.66 1.70
N THR C 53 -18.88 42.36 0.53
CA THR C 53 -19.19 40.97 0.21
C THR C 53 -18.66 40.60 -1.16
N PHE C 54 -18.51 39.30 -1.35
CA PHE C 54 -18.03 38.78 -2.61
C PHE C 54 -18.81 37.51 -2.86
N ASP C 55 -19.18 37.25 -4.11
CA ASP C 55 -19.87 35.99 -4.44
C ASP C 55 -19.42 35.61 -5.83
N ALA C 56 -19.18 34.34 -6.03
CA ALA C 56 -18.80 33.87 -7.34
C ALA C 56 -19.63 32.64 -7.59
N ASP C 57 -20.00 32.47 -8.86
CA ASP C 57 -20.72 31.28 -9.36
C ASP C 57 -20.13 31.22 -10.76
N ILE C 58 -18.93 30.70 -10.83
CA ILE C 58 -18.25 30.65 -12.10
C ILE C 58 -18.02 29.23 -12.55
N GLN C 59 -17.87 29.10 -13.85
CA GLN C 59 -17.71 27.76 -14.47
C GLN C 59 -16.68 27.87 -15.55
N ASN C 60 -16.41 26.73 -16.18
CA ASN C 60 -15.47 26.67 -17.30
C ASN C 60 -14.17 27.29 -16.91
N LEU C 61 -13.70 27.01 -15.70
CA LEU C 61 -12.42 27.58 -15.23
C LEU C 61 -11.20 26.86 -15.78
N SER C 62 -10.14 27.64 -16.00
CA SER C 62 -8.88 27.08 -16.48
C SER C 62 -7.85 28.04 -15.96
N PRO C 63 -6.77 27.54 -15.34
CA PRO C 63 -5.73 28.45 -14.81
C PRO C 63 -4.77 29.03 -15.85
N LYS C 64 -4.08 30.13 -15.50
CA LYS C 64 -3.07 30.69 -16.39
C LYS C 64 -1.87 29.82 -16.18
N GLU C 65 -1.38 29.72 -14.92
CA GLU C 65 -0.20 28.88 -14.59
C GLU C 65 -0.62 27.83 -13.59
N PRO C 66 -0.97 26.64 -14.09
CA PRO C 66 -1.40 25.56 -13.19
C PRO C 66 -0.42 25.38 -12.03
N GLU C 67 0.84 25.69 -12.26
CA GLU C 67 1.86 25.56 -11.24
C GLU C 67 1.60 26.32 -9.94
N ARG C 68 1.00 27.51 -10.05
CA ARG C 68 0.75 28.34 -8.88
C ARG C 68 -0.41 27.78 -8.08
N TYR C 69 -0.97 26.68 -8.60
CA TYR C 69 -2.05 25.95 -7.94
C TYR C 69 -3.37 26.70 -7.75
N VAL C 70 -3.36 27.84 -7.04
CA VAL C 70 -4.64 28.50 -6.77
C VAL C 70 -5.11 29.29 -8.02
N LEU C 71 -6.39 29.71 -8.02
CA LEU C 71 -6.94 30.44 -9.18
C LEU C 71 -7.02 31.97 -8.95
N GLY C 72 -7.34 32.37 -7.73
CA GLY C 72 -7.44 33.79 -7.46
C GLY C 72 -7.50 34.07 -5.97
N TYR C 73 -7.73 35.34 -5.62
CA TYR C 73 -7.72 35.78 -4.24
C TYR C 73 -8.56 37.03 -4.11
N PRO C 74 -9.90 36.95 -4.31
CA PRO C 74 -10.77 38.13 -4.18
C PRO C 74 -10.48 38.68 -2.77
N GLU C 75 -10.29 39.98 -2.62
CA GLU C 75 -9.81 40.49 -1.34
C GLU C 75 -10.06 41.98 -1.15
N PHE C 76 -9.78 42.48 0.08
CA PHE C 76 -9.74 43.92 0.25
C PHE C 76 -8.49 44.18 1.06
N TYR C 77 -8.00 45.42 1.01
CA TYR C 77 -6.76 45.68 1.74
C TYR C 77 -6.53 47.12 2.19
N TYR C 78 -5.65 47.23 3.17
CA TYR C 78 -5.25 48.50 3.72
C TYR C 78 -3.81 48.70 3.31
N GLY C 79 -3.51 49.84 2.71
CA GLY C 79 -2.11 50.07 2.32
C GLY C 79 -1.78 49.91 0.84
N TYR C 80 -0.50 49.69 0.58
CA TYR C 80 0.02 49.65 -0.79
C TYR C 80 0.30 48.25 -1.28
N LYS C 81 -0.33 47.81 -2.36
CA LYS C 81 -0.16 46.45 -2.83
C LYS C 81 0.84 46.58 -3.98
N PRO C 82 2.10 46.12 -3.77
CA PRO C 82 3.16 46.23 -4.78
C PRO C 82 2.75 45.80 -6.19
N TRP C 83 2.17 44.60 -6.29
CA TRP C 83 1.83 44.02 -7.59
C TRP C 83 0.92 44.89 -8.45
N GLU C 84 0.15 45.75 -7.81
CA GLU C 84 -0.72 46.61 -8.58
C GLU C 84 -0.32 48.06 -8.46
N ASN C 85 0.83 48.32 -7.83
CA ASN C 85 1.34 49.69 -7.66
C ASN C 85 0.19 50.56 -7.16
N HIS C 86 -0.59 50.03 -6.21
CA HIS C 86 -1.83 50.69 -5.80
C HIS C 86 -2.04 50.93 -4.32
N THR C 87 -2.50 52.13 -4.00
CA THR C 87 -2.89 52.38 -2.61
C THR C 87 -4.01 53.42 -2.57
N ALA C 88 -5.01 53.19 -1.72
CA ALA C 88 -6.02 54.26 -1.57
C ALA C 88 -5.30 55.46 -0.87
N GLU C 89 -5.88 56.64 -1.04
CA GLU C 89 -5.31 57.83 -0.37
C GLU C 89 -5.54 57.81 1.13
N GLY C 90 -4.55 58.30 1.87
CA GLY C 90 -4.70 58.39 3.31
C GLY C 90 -4.24 57.23 4.15
N SER C 91 -3.60 56.24 3.54
CA SER C 91 -3.16 55.10 4.32
C SER C 91 -1.86 55.44 5.05
N LYS C 92 -1.62 54.78 6.16
CA LYS C 92 -0.39 55.00 6.89
C LYS C 92 0.78 54.07 6.48
N LEU C 93 0.52 53.15 5.54
CA LEU C 93 1.55 52.23 5.03
C LEU C 93 2.04 52.74 3.66
N PRO C 94 3.25 52.34 3.20
CA PRO C 94 4.17 51.43 3.93
C PRO C 94 5.03 52.11 5.00
N VAL C 95 5.53 51.29 5.92
CA VAL C 95 6.48 51.77 6.98
C VAL C 95 7.46 50.67 7.20
N PRO C 96 8.63 51.04 7.74
CA PRO C 96 9.59 49.94 7.96
C PRO C 96 9.08 48.97 9.03
N VAL C 97 9.34 47.68 8.81
CA VAL C 97 8.94 46.72 9.82
C VAL C 97 9.49 47.16 11.16
N SER C 98 10.73 47.64 11.19
CA SER C 98 11.31 48.06 12.48
C SER C 98 10.50 49.17 13.19
N SER C 99 9.70 49.92 12.44
CA SER C 99 8.87 50.99 13.00
C SER C 99 7.59 50.55 13.67
N MET C 100 7.14 49.33 13.39
CA MET C 100 5.89 48.84 13.92
C MET C 100 5.94 48.28 15.33
N LYS C 101 5.30 48.96 16.26
CA LYS C 101 5.24 48.50 17.65
C LYS C 101 4.18 47.42 17.67
N SER C 102 3.01 47.76 17.13
CA SER C 102 1.90 46.82 17.04
C SER C 102 0.97 47.19 15.86
N PHE C 103 0.16 46.24 15.43
CA PHE C 103 -0.77 46.50 14.32
C PHE C 103 -1.90 45.50 14.51
N SER C 104 -2.98 46.00 15.08
CA SER C 104 -4.13 45.18 15.44
C SER C 104 -5.15 45.15 14.36
N VAL C 105 -5.62 43.96 14.06
CA VAL C 105 -6.62 43.84 13.04
C VAL C 105 -7.81 43.14 13.67
N GLU C 106 -9.01 43.65 13.42
CA GLU C 106 -10.23 43.04 13.89
C GLU C 106 -11.27 42.99 12.80
N VAL C 107 -11.86 41.83 12.61
CA VAL C 107 -12.87 41.73 11.58
C VAL C 107 -13.74 40.54 11.85
N SER C 108 -15.00 40.70 11.50
CA SER C 108 -15.94 39.59 11.61
C SER C 108 -16.10 39.09 10.19
N PHE C 109 -16.17 37.77 10.06
CA PHE C 109 -16.26 37.15 8.78
C PHE C 109 -17.23 36.01 8.73
N ASP C 110 -17.61 35.68 7.52
CA ASP C 110 -18.52 34.60 7.24
C ASP C 110 -18.14 34.12 5.86
N ILE C 111 -17.58 32.93 5.83
CA ILE C 111 -17.14 32.31 4.60
C ILE C 111 -18.09 31.17 4.25
N HIS C 112 -18.55 31.15 3.00
CA HIS C 112 -19.39 30.06 2.55
C HIS C 112 -18.83 29.55 1.23
N HIS C 113 -18.93 28.25 0.99
CA HIS C 113 -18.42 27.67 -0.26
C HIS C 113 -19.05 26.30 -0.46
N GLU C 114 -19.05 25.83 -1.70
CA GLU C 114 -19.56 24.49 -1.97
C GLU C 114 -18.55 23.66 -1.19
N PRO C 115 -18.96 22.50 -0.67
CA PRO C 115 -18.11 21.59 0.12
C PRO C 115 -16.75 21.14 -0.38
N SER C 116 -16.61 20.95 -1.68
CA SER C 116 -15.34 20.44 -2.21
C SER C 116 -14.36 21.49 -2.69
N LEU C 117 -14.75 22.77 -2.59
CA LEU C 117 -13.83 23.78 -3.10
C LEU C 117 -12.60 24.12 -2.21
N PRO C 118 -11.40 23.99 -2.75
CA PRO C 118 -10.07 24.28 -2.18
C PRO C 118 -10.22 25.79 -1.93
N LEU C 119 -10.00 26.23 -0.70
CA LEU C 119 -10.16 27.64 -0.42
C LEU C 119 -9.59 27.92 0.94
N ASN C 120 -9.18 29.17 1.14
CA ASN C 120 -8.72 29.55 2.46
C ASN C 120 -9.26 30.93 2.73
N PHE C 121 -9.21 31.34 3.98
CA PHE C 121 -9.55 32.70 4.35
C PHE C 121 -8.13 33.04 4.86
N ALA C 122 -7.41 33.88 4.12
CA ALA C 122 -6.02 34.18 4.44
C ALA C 122 -5.75 35.67 4.30
N MET C 123 -4.94 36.19 5.21
CA MET C 123 -4.56 37.59 5.18
C MET C 123 -3.08 37.57 4.86
N GLU C 124 -2.54 38.66 4.31
CA GLU C 124 -1.11 38.68 4.02
C GLU C 124 -0.50 40.06 3.83
N THR C 125 0.82 40.09 3.92
CA THR C 125 1.55 41.33 3.69
C THR C 125 2.69 40.97 2.73
N TRP C 126 3.30 42.03 2.22
CA TRP C 126 4.44 41.94 1.33
C TRP C 126 5.49 42.81 1.97
N LEU C 127 6.64 42.23 2.30
CA LEU C 127 7.75 42.99 2.89
C LEU C 127 8.80 43.16 1.75
N THR C 128 9.11 44.42 1.45
CA THR C 128 9.98 44.76 0.34
C THR C 128 11.16 45.63 0.77
N ARG C 129 12.26 45.48 0.03
CA ARG C 129 13.50 46.23 0.33
C ARG C 129 13.27 47.69 0.08
N GLU C 130 12.65 48.03 -1.05
CA GLU C 130 12.33 49.43 -1.42
C GLU C 130 10.85 49.73 -0.98
N LYS C 131 10.52 51.01 -0.75
CA LYS C 131 9.19 51.40 -0.27
C LYS C 131 8.08 51.09 -1.25
N TYR C 132 8.35 51.36 -2.54
CA TYR C 132 7.38 51.16 -3.58
C TYR C 132 7.80 50.28 -4.73
N GLN C 133 7.92 48.99 -4.50
CA GLN C 133 8.25 48.07 -5.61
C GLN C 133 6.96 47.66 -6.30
N THR C 134 7.08 47.04 -7.47
CA THR C 134 5.89 46.56 -8.14
C THR C 134 5.93 45.05 -8.25
N GLU C 135 6.88 44.41 -7.56
CA GLU C 135 6.93 42.93 -7.55
C GLU C 135 7.80 42.58 -6.37
N ALA C 136 7.75 41.33 -5.96
CA ALA C 136 8.57 40.82 -4.86
C ALA C 136 9.63 40.00 -5.59
N SER C 137 10.87 40.05 -5.15
CA SER C 137 11.91 39.19 -5.77
C SER C 137 12.83 38.70 -4.64
N ILE C 138 13.97 38.07 -4.98
CA ILE C 138 14.85 37.55 -3.90
C ILE C 138 15.21 38.63 -2.88
N GLY C 139 15.01 38.38 -1.59
CA GLY C 139 15.31 39.43 -0.61
C GLY C 139 14.02 40.01 0.01
N ASP C 140 12.90 39.72 -0.65
CA ASP C 140 11.59 40.16 -0.22
C ASP C 140 10.85 38.97 0.37
N VAL C 141 9.79 39.26 1.11
CA VAL C 141 9.02 38.23 1.79
C VAL C 141 7.51 38.44 1.62
N CYS C 142 6.78 37.34 1.56
CA CYS C 142 5.33 37.35 1.55
C CYS C 142 4.96 36.58 2.86
N ILE C 143 4.17 37.19 3.72
CA ILE C 143 3.79 36.46 4.90
C ILE C 143 2.26 36.33 4.87
N MET C 144 1.75 35.10 4.98
CA MET C 144 0.30 34.92 5.04
C MET C 144 -0.10 34.31 6.39
N VAL C 145 -1.33 34.63 6.77
CA VAL C 145 -1.98 34.14 7.98
C VAL C 145 -3.32 33.49 7.59
N TRP C 146 -3.39 32.17 7.65
CA TRP C 146 -4.59 31.44 7.27
C TRP C 146 -5.43 31.06 8.49
N PHE C 147 -6.64 31.64 8.56
CA PHE C 147 -7.58 31.41 9.66
C PHE C 147 -8.50 30.25 9.41
N TYR C 148 -8.66 29.93 8.15
CA TYR C 148 -9.53 28.87 7.72
C TYR C 148 -8.95 28.32 6.44
N PHE C 149 -9.27 27.08 6.16
CA PHE C 149 -8.89 26.45 4.93
C PHE C 149 -9.84 25.29 4.76
N ASN C 150 -10.06 24.94 3.52
CA ASN C 150 -10.95 23.84 3.20
C ASN C 150 -10.32 23.17 2.01
N ASN C 151 -9.91 21.92 2.22
CA ASN C 151 -9.35 21.14 1.14
C ASN C 151 -8.20 21.85 0.46
N LEU C 152 -7.27 22.46 1.21
CA LEU C 152 -6.18 23.19 0.58
C LEU C 152 -5.06 23.39 1.61
N THR C 153 -3.83 23.24 1.19
CA THR C 153 -2.71 23.37 2.10
C THR C 153 -1.76 24.42 1.57
N PRO C 154 -0.98 25.03 2.47
CA PRO C 154 -0.02 26.07 2.10
C PRO C 154 1.04 25.58 1.20
N GLY C 155 1.74 26.50 0.56
CA GLY C 155 2.82 26.13 -0.33
C GLY C 155 4.07 25.71 0.45
N GLY C 156 5.07 25.17 -0.26
CA GLY C 156 6.31 24.73 0.35
C GLY C 156 6.21 23.61 1.40
N GLU C 157 7.11 23.65 2.39
CA GLU C 157 7.13 22.64 3.44
C GLU C 157 6.87 23.20 4.84
N LYS C 158 6.23 22.42 5.70
CA LYS C 158 5.96 22.86 7.05
C LYS C 158 7.32 22.78 7.74
N ILE C 159 7.75 23.86 8.39
CA ILE C 159 9.07 23.86 9.01
C ILE C 159 8.96 23.87 10.52
N GLU C 160 7.82 24.28 11.02
CA GLU C 160 7.64 24.27 12.46
C GLU C 160 6.27 24.75 12.93
N GLU C 161 6.05 24.66 14.24
CA GLU C 161 4.78 25.10 14.83
C GLU C 161 5.02 26.20 15.87
N PHE C 162 4.17 27.22 15.79
CA PHE C 162 4.23 28.37 16.68
C PHE C 162 2.91 28.48 17.41
N THR C 163 2.99 28.85 18.68
CA THR C 163 1.79 29.07 19.45
C THR C 163 1.75 30.59 19.44
N ILE C 164 0.72 31.13 18.79
CA ILE C 164 0.52 32.56 18.72
C ILE C 164 -0.90 32.81 19.19
N PRO C 165 -1.06 33.75 20.11
CA PRO C 165 -2.39 34.08 20.64
C PRO C 165 -3.15 35.01 19.75
N PHE C 166 -4.47 35.02 19.92
CA PHE C 166 -5.38 35.91 19.22
C PHE C 166 -6.70 35.85 19.95
N VAL C 167 -7.60 36.79 19.67
CA VAL C 167 -8.93 36.86 20.30
C VAL C 167 -10.01 36.32 19.36
N LEU C 168 -10.62 35.21 19.73
CA LEU C 168 -11.67 34.62 18.90
C LEU C 168 -13.07 34.83 19.47
N ASN C 169 -13.90 35.59 18.78
CA ASN C 169 -15.27 35.85 19.24
C ASN C 169 -15.30 36.49 20.63
N GLY C 170 -14.21 37.14 21.01
CA GLY C 170 -14.14 37.77 22.32
C GLY C 170 -13.26 37.02 23.32
N GLU C 171 -12.95 35.75 23.08
CA GLU C 171 -12.15 35.06 24.05
C GLU C 171 -10.68 34.88 23.70
N SER C 172 -9.81 35.39 24.56
CA SER C 172 -8.39 35.25 24.35
C SER C 172 -8.17 33.76 24.24
N VAL C 173 -7.44 33.33 23.22
CA VAL C 173 -7.14 31.92 23.01
C VAL C 173 -5.77 31.79 22.41
N GLU C 174 -5.19 30.60 22.53
CA GLU C 174 -3.88 30.37 21.95
C GLU C 174 -4.09 29.46 20.77
N GLY C 175 -3.66 29.92 19.60
CA GLY C 175 -3.80 29.09 18.42
C GLY C 175 -2.50 28.36 18.15
N THR C 176 -2.59 27.28 17.42
CA THR C 176 -1.39 26.54 17.09
C THR C 176 -1.29 26.75 15.60
N TRP C 177 -0.14 27.26 15.16
CA TRP C 177 0.03 27.58 13.77
C TRP C 177 1.16 26.84 13.13
N GLU C 178 0.89 26.20 12.01
CA GLU C 178 1.95 25.54 11.27
C GLU C 178 2.62 26.63 10.43
N LEU C 179 3.95 26.70 10.44
CA LEU C 179 4.62 27.70 9.62
C LEU C 179 5.15 26.93 8.45
N TRP C 180 4.67 27.30 7.28
CA TRP C 180 5.10 26.66 6.03
C TRP C 180 6.03 27.63 5.29
N LEU C 181 7.15 27.16 4.80
CA LEU C 181 8.07 28.03 4.11
C LEU C 181 8.38 27.53 2.75
N ALA C 182 8.58 28.45 1.83
CA ALA C 182 8.97 28.10 0.47
C ALA C 182 9.92 29.18 0.00
N GLU C 183 10.92 28.78 -0.78
CA GLU C 183 11.85 29.76 -1.31
C GLU C 183 11.63 29.79 -2.81
N TRP C 184 10.62 30.56 -3.24
CA TRP C 184 10.30 30.67 -4.66
C TRP C 184 11.02 31.89 -5.21
N GLY C 185 10.38 32.66 -6.09
CA GLY C 185 11.06 33.86 -6.60
C GLY C 185 11.31 34.87 -5.50
N TRP C 186 10.59 34.75 -4.38
CA TRP C 186 10.77 35.60 -3.20
C TRP C 186 10.53 34.59 -2.06
N ASP C 187 10.68 34.96 -0.80
CA ASP C 187 10.38 33.99 0.25
C ASP C 187 8.90 34.00 0.66
N TYR C 188 8.33 32.80 0.74
CA TYR C 188 6.92 32.59 1.10
C TYR C 188 6.79 31.98 2.48
N LEU C 189 6.14 32.68 3.39
CA LEU C 189 5.93 32.11 4.71
C LEU C 189 4.43 32.12 5.01
N ALA C 190 3.84 30.96 5.29
CA ALA C 190 2.40 30.95 5.58
C ALA C 190 2.19 30.28 6.93
N PHE C 191 1.44 30.94 7.80
CA PHE C 191 1.08 30.45 9.13
C PHE C 191 -0.38 29.95 9.02
N ARG C 192 -0.60 28.67 9.25
CA ARG C 192 -1.93 28.11 9.13
C ARG C 192 -2.46 27.62 10.49
N LEU C 193 -3.59 28.16 10.88
CA LEU C 193 -4.23 27.82 12.14
C LEU C 193 -4.71 26.38 12.07
N LYS C 194 -4.32 25.58 13.08
CA LYS C 194 -4.69 24.18 13.11
C LYS C 194 -6.16 23.92 13.38
N ASP C 195 -6.83 24.89 13.99
CA ASP C 195 -8.25 24.78 14.25
C ASP C 195 -8.97 25.86 13.45
N PRO C 196 -9.12 25.64 12.13
CA PRO C 196 -9.78 26.58 11.18
C PRO C 196 -11.14 27.06 11.62
N VAL C 197 -11.42 28.34 11.35
CA VAL C 197 -12.68 29.01 11.67
C VAL C 197 -13.30 29.58 10.38
N LYS C 198 -14.53 29.16 10.09
CA LYS C 198 -15.25 29.54 8.85
C LYS C 198 -16.09 30.78 9.02
N LYS C 199 -16.50 31.04 10.26
CA LYS C 199 -17.35 32.17 10.55
C LYS C 199 -16.98 32.64 11.95
N GLY C 200 -17.00 33.95 12.20
CA GLY C 200 -16.64 34.39 13.52
C GLY C 200 -16.10 35.79 13.55
N ARG C 201 -15.32 36.10 14.57
CA ARG C 201 -14.74 37.44 14.73
C ARG C 201 -13.37 37.19 15.30
N VAL C 202 -12.35 37.83 14.73
CA VAL C 202 -10.98 37.66 15.23
C VAL C 202 -10.30 39.00 15.43
N LYS C 203 -9.39 39.05 16.39
CA LYS C 203 -8.62 40.26 16.66
C LYS C 203 -7.24 39.76 17.01
N PHE C 204 -6.21 40.30 16.35
CA PHE C 204 -4.88 39.84 16.63
C PHE C 204 -3.91 40.90 16.27
N ASP C 205 -2.67 40.71 16.67
CA ASP C 205 -1.65 41.68 16.39
C ASP C 205 -0.70 41.10 15.31
N VAL C 206 -0.73 41.68 14.13
CA VAL C 206 0.16 41.22 13.04
C VAL C 206 1.62 41.15 13.54
N ARG C 207 1.97 41.98 14.52
CA ARG C 207 3.34 41.99 15.02
C ARG C 207 3.86 40.61 15.51
N HIS C 208 2.97 39.79 16.05
CA HIS C 208 3.36 38.45 16.52
C HIS C 208 3.84 37.59 15.34
N PHE C 209 3.18 37.74 14.20
CA PHE C 209 3.55 36.98 13.00
C PHE C 209 4.85 37.52 12.41
N LEU C 210 5.07 38.84 12.53
CA LEU C 210 6.30 39.42 12.00
C LEU C 210 7.48 38.90 12.85
N ASP C 211 7.30 38.85 14.17
CA ASP C 211 8.37 38.38 15.06
C ASP C 211 8.73 36.96 14.75
N ALA C 212 7.71 36.12 14.63
CA ALA C 212 7.91 34.70 14.33
C ALA C 212 8.58 34.50 12.95
N ALA C 213 8.13 35.29 11.97
CA ALA C 213 8.66 35.20 10.61
C ALA C 213 10.13 35.65 10.66
N GLY C 214 10.38 36.70 11.45
CA GLY C 214 11.73 37.21 11.59
C GLY C 214 12.65 36.12 12.16
N LYS C 215 12.18 35.44 13.20
CA LYS C 215 12.96 34.35 13.77
C LYS C 215 13.22 33.25 12.75
N ALA C 216 12.20 32.89 11.96
CA ALA C 216 12.37 31.82 11.00
C ALA C 216 13.34 32.14 9.90
N LEU C 217 13.52 33.44 9.64
CA LEU C 217 14.41 33.87 8.58
C LEU C 217 15.75 34.38 9.10
N SER C 218 15.94 34.26 10.41
CA SER C 218 17.20 34.75 11.02
C SER C 218 18.43 34.23 10.33
N SER C 219 18.43 32.95 9.94
CA SER C 219 19.58 32.42 9.24
C SER C 219 19.37 32.22 7.73
N SER C 220 18.52 33.05 7.10
CA SER C 220 18.31 32.94 5.68
C SER C 220 19.49 33.56 4.90
N ALA C 221 19.87 32.95 3.79
CA ALA C 221 20.92 33.49 2.95
C ALA C 221 20.29 34.46 1.93
N ARG C 222 18.95 34.40 1.81
CA ARG C 222 18.17 35.21 0.87
C ARG C 222 17.65 36.49 1.50
N VAL C 223 17.04 36.41 2.68
CA VAL C 223 16.53 37.60 3.36
C VAL C 223 17.49 37.93 4.46
N LYS C 224 18.35 38.91 4.23
CA LYS C 224 19.34 39.23 5.25
C LYS C 224 19.10 40.37 6.23
N ASP C 225 18.07 41.18 5.98
CA ASP C 225 17.78 42.33 6.84
C ASP C 225 16.29 42.45 7.06
N PHE C 226 15.65 41.43 7.57
CA PHE C 226 14.22 41.44 7.78
C PHE C 226 13.59 42.73 8.37
N GLU C 227 14.11 43.22 9.49
CA GLU C 227 13.52 44.39 10.12
C GLU C 227 13.59 45.71 9.38
N ASP C 228 14.45 45.81 8.37
CA ASP C 228 14.52 47.06 7.64
C ASP C 228 13.60 47.03 6.43
N LEU C 229 12.98 45.87 6.13
CA LEU C 229 12.08 45.74 4.96
C LEU C 229 10.88 46.63 5.18
N TYR C 230 10.19 47.01 4.09
CA TYR C 230 8.96 47.81 4.26
C TYR C 230 7.70 46.93 4.39
N PHE C 231 6.88 47.21 5.42
CA PHE C 231 5.61 46.48 5.61
C PHE C 231 4.69 47.32 4.77
N THR C 232 4.31 46.79 3.62
CA THR C 232 3.54 47.57 2.65
C THR C 232 2.03 47.55 2.72
N VAL C 233 1.45 46.44 3.19
CA VAL C 233 0.00 46.29 3.04
C VAL C 233 -0.55 45.20 3.95
N TRP C 234 -1.85 45.19 4.19
CA TRP C 234 -2.43 44.05 4.92
C TRP C 234 -3.65 43.69 4.06
N GLU C 235 -3.62 42.53 3.42
CA GLU C 235 -4.71 42.09 2.53
C GLU C 235 -5.54 41.07 3.28
N ILE C 236 -6.82 41.00 2.95
CA ILE C 236 -7.73 40.09 3.60
C ILE C 236 -8.58 39.55 2.46
N GLY C 237 -8.59 38.23 2.30
CA GLY C 237 -9.36 37.63 1.22
C GLY C 237 -9.42 36.10 1.32
N THR C 238 -9.84 35.47 0.24
CA THR C 238 -9.91 34.01 0.22
C THR C 238 -9.26 33.53 -1.05
N GLU C 239 -8.17 32.79 -0.94
CA GLU C 239 -7.55 32.21 -2.10
C GLU C 239 -8.49 31.03 -2.42
N PHE C 240 -8.59 30.63 -3.69
CA PHE C 240 -9.48 29.49 -4.01
C PHE C 240 -8.99 28.77 -5.23
N GLY C 241 -9.45 27.53 -5.39
CA GLY C 241 -9.08 26.78 -6.55
C GLY C 241 -7.82 25.93 -6.56
N SER C 242 -7.81 25.05 -7.55
CA SER C 242 -6.66 24.16 -7.79
C SER C 242 -6.74 23.95 -9.30
N PRO C 243 -5.68 23.41 -9.92
CA PRO C 243 -5.74 23.19 -11.38
C PRO C 243 -6.90 22.25 -11.83
N GLU C 244 -7.51 21.51 -10.92
CA GLU C 244 -8.62 20.61 -11.32
C GLU C 244 -10.02 21.19 -11.03
N THR C 245 -10.03 22.47 -10.62
CA THR C 245 -11.28 23.09 -10.27
C THR C 245 -11.81 23.70 -11.56
N LYS C 246 -13.04 23.30 -11.86
CA LYS C 246 -13.67 23.75 -13.08
C LYS C 246 -14.78 24.77 -12.85
N SER C 247 -15.37 24.73 -11.67
CA SER C 247 -16.41 25.66 -11.30
C SER C 247 -16.17 26.07 -9.83
N ALA C 248 -16.70 27.21 -9.41
CA ALA C 248 -16.51 27.63 -8.04
C ALA C 248 -17.68 28.42 -7.61
N GLN C 249 -18.29 28.04 -6.51
CA GLN C 249 -19.43 28.79 -5.99
C GLN C 249 -19.04 28.97 -4.55
N PHE C 250 -18.74 30.21 -4.21
CA PHE C 250 -18.34 30.50 -2.88
C PHE C 250 -18.53 32.00 -2.73
N GLY C 251 -18.42 32.48 -1.50
CA GLY C 251 -18.54 33.90 -1.31
C GLY C 251 -18.15 34.20 0.10
N TRP C 252 -18.13 35.48 0.44
CA TRP C 252 -17.78 35.87 1.77
C TRP C 252 -18.40 37.17 2.11
N LYS C 253 -18.37 37.48 3.40
CA LYS C 253 -18.90 38.71 3.94
C LYS C 253 -17.97 39.13 5.08
N PHE C 254 -17.58 40.39 5.10
CA PHE C 254 -16.72 40.87 6.18
C PHE C 254 -17.42 42.08 6.76
N GLU C 255 -17.40 42.22 8.08
CA GLU C 255 -18.05 43.36 8.75
C GLU C 255 -17.28 43.67 10.04
N ASN C 256 -17.64 44.76 10.71
CA ASN C 256 -16.99 45.07 11.99
C ASN C 256 -15.49 45.14 11.85
N PHE C 257 -15.03 45.93 10.90
CA PHE C 257 -13.61 45.98 10.62
C PHE C 257 -12.95 47.21 11.24
N SER C 258 -11.84 46.98 11.93
CA SER C 258 -11.12 48.09 12.54
C SER C 258 -9.67 47.64 12.61
N ILE C 259 -8.76 48.62 12.59
CA ILE C 259 -7.33 48.36 12.64
C ILE C 259 -6.66 49.43 13.49
N ASP C 260 -5.56 49.06 14.13
CA ASP C 260 -4.83 50.03 14.93
C ASP C 260 -3.36 49.79 14.71
N LEU C 261 -2.75 50.67 13.93
CA LEU C 261 -1.33 50.60 13.68
C LEU C 261 -0.64 51.54 14.67
N GLU C 262 0.27 51.02 15.48
CA GLU C 262 1.00 51.84 16.43
C GLU C 262 2.42 51.81 15.92
N VAL C 263 2.84 52.94 15.37
CA VAL C 263 4.15 53.10 14.77
C VAL C 263 5.02 54.05 15.58
N ARG C 264 6.02 53.53 16.28
CA ARG C 264 6.86 54.43 17.06
C ARG C 264 8.14 54.77 16.30
N MET D 9 7.48 -13.59 -4.76
CA MET D 9 7.31 -12.23 -5.40
C MET D 9 6.08 -12.17 -6.30
N VAL D 10 5.35 -11.08 -6.17
CA VAL D 10 4.20 -10.90 -7.02
C VAL D 10 4.40 -9.56 -7.72
N LEU D 11 4.33 -9.56 -9.05
CA LEU D 11 4.47 -8.31 -9.82
C LEU D 11 3.31 -8.25 -10.80
N MET D 12 2.57 -7.13 -10.78
CA MET D 12 1.45 -6.94 -11.67
C MET D 12 1.65 -5.62 -12.37
N THR D 13 1.37 -5.57 -13.68
CA THR D 13 1.53 -4.34 -14.41
C THR D 13 0.27 -4.01 -15.23
N LYS D 14 -0.85 -4.65 -14.88
CA LYS D 14 -2.12 -4.28 -15.52
C LYS D 14 -3.23 -4.61 -14.48
N PRO D 15 -4.46 -4.13 -14.71
CA PRO D 15 -5.49 -4.43 -13.72
C PRO D 15 -5.69 -5.92 -13.50
N GLY D 16 -5.97 -6.28 -12.24
CA GLY D 16 -6.14 -7.68 -11.90
C GLY D 16 -5.93 -7.91 -10.43
N THR D 17 -6.13 -9.15 -10.00
CA THR D 17 -5.98 -9.53 -8.60
C THR D 17 -5.01 -10.70 -8.40
N SER D 18 -4.19 -10.66 -7.35
CA SER D 18 -3.30 -11.77 -7.03
C SER D 18 -3.36 -12.00 -5.52
N ASP D 19 -3.31 -13.26 -5.09
CA ASP D 19 -3.27 -13.57 -3.67
C ASP D 19 -1.84 -13.76 -3.24
N PHE D 20 -1.58 -13.55 -1.95
CA PHE D 20 -0.26 -13.72 -1.39
C PHE D 20 -0.39 -13.98 0.14
N VAL D 21 0.72 -14.26 0.82
CA VAL D 21 0.66 -14.45 2.26
C VAL D 21 1.79 -13.57 2.78
N TRP D 22 1.48 -12.75 3.79
CA TRP D 22 2.45 -11.81 4.34
C TRP D 22 2.50 -12.04 5.86
N ASN D 23 3.62 -12.56 6.33
CA ASN D 23 3.74 -12.88 7.76
C ASN D 23 2.59 -13.75 8.27
N GLY D 24 2.29 -14.80 7.49
CA GLY D 24 1.22 -15.73 7.84
C GLY D 24 -0.19 -15.22 7.57
N ILE D 25 -0.33 -13.99 7.12
CA ILE D 25 -1.66 -13.45 6.84
C ILE D 25 -1.97 -13.59 5.34
N PRO D 26 -3.07 -14.29 5.00
CA PRO D 26 -3.46 -14.45 3.59
C PRO D 26 -4.13 -13.17 3.15
N LEU D 27 -3.73 -12.68 1.98
CA LEU D 27 -4.20 -11.40 1.48
C LEU D 27 -4.32 -11.42 -0.06
N SER D 28 -5.06 -10.46 -0.59
CA SER D 28 -5.21 -10.26 -2.01
C SER D 28 -4.72 -8.86 -2.33
N MET D 29 -4.10 -8.69 -3.48
CA MET D 29 -3.70 -7.33 -3.87
C MET D 29 -4.42 -7.11 -5.20
N GLU D 30 -4.98 -5.93 -5.39
CA GLU D 30 -5.65 -5.61 -6.64
C GLU D 30 -5.17 -4.32 -7.26
N LEU D 31 -4.67 -4.40 -8.50
CA LEU D 31 -4.25 -3.19 -9.20
C LEU D 31 -5.60 -2.73 -9.80
N ASN D 32 -6.32 -1.95 -8.98
CA ASN D 32 -7.69 -1.56 -9.28
C ASN D 32 -7.84 -0.20 -9.93
N LEU D 33 -8.16 -0.21 -11.22
CA LEU D 33 -8.41 1.02 -11.96
C LEU D 33 -9.89 0.96 -12.37
N TRP D 34 -10.77 0.68 -11.41
CA TRP D 34 -12.20 0.43 -11.72
C TRP D 34 -12.93 1.49 -12.51
N ASN D 35 -12.60 2.75 -12.34
CA ASN D 35 -13.37 3.77 -13.09
C ASN D 35 -12.57 4.43 -14.21
N ILE D 36 -11.55 3.74 -14.71
CA ILE D 36 -10.80 4.32 -15.79
C ILE D 36 -11.24 3.71 -17.11
N LYS D 37 -11.58 4.58 -18.05
CA LYS D 37 -12.03 4.17 -19.37
C LYS D 37 -10.83 3.98 -20.24
N GLU D 38 -9.97 4.97 -20.21
CA GLU D 38 -8.76 4.93 -21.03
C GLU D 38 -7.61 5.53 -20.26
N TYR D 39 -6.39 5.04 -20.56
CA TYR D 39 -5.13 5.58 -19.99
C TYR D 39 -3.99 5.06 -20.84
N SER D 40 -2.86 5.75 -20.81
CA SER D 40 -1.67 5.30 -21.50
C SER D 40 -0.63 5.39 -20.39
N GLY D 41 0.52 4.76 -20.57
CA GLY D 41 1.53 4.84 -19.54
C GLY D 41 1.67 3.57 -18.77
N SER D 42 2.11 3.63 -17.51
CA SER D 42 2.40 2.41 -16.75
C SER D 42 1.86 2.41 -15.32
N VAL D 43 1.54 1.22 -14.84
CA VAL D 43 1.13 1.01 -13.45
C VAL D 43 1.88 -0.28 -13.08
N ALA D 44 2.29 -0.37 -11.81
CA ALA D 44 3.03 -1.52 -11.36
C ALA D 44 2.77 -1.70 -9.84
N MET D 45 2.45 -2.91 -9.46
CA MET D 45 2.21 -3.26 -8.03
C MET D 45 3.08 -4.46 -7.74
N LYS D 46 3.80 -4.40 -6.61
CA LYS D 46 4.73 -5.45 -6.25
C LYS D 46 4.75 -5.81 -4.78
N PHE D 47 4.72 -7.11 -4.52
CA PHE D 47 4.84 -7.60 -3.15
C PHE D 47 6.14 -8.41 -3.16
N ASP D 48 7.10 -8.08 -2.30
CA ASP D 48 8.40 -8.82 -2.32
C ASP D 48 8.64 -9.69 -1.07
N GLY D 49 7.60 -9.94 -0.28
CA GLY D 49 7.78 -10.72 0.95
C GLY D 49 7.81 -9.84 2.20
N GLU D 50 8.18 -8.57 2.06
CA GLU D 50 8.23 -7.70 3.22
C GLU D 50 7.55 -6.34 3.05
N LYS D 51 7.27 -5.95 1.80
CA LYS D 51 6.58 -4.70 1.59
C LYS D 51 5.74 -4.79 0.32
N ILE D 52 4.68 -4.03 0.26
CA ILE D 52 3.92 -4.05 -0.98
C ILE D 52 3.96 -2.60 -1.47
N THR D 53 4.21 -2.45 -2.78
CA THR D 53 4.30 -1.12 -3.36
C THR D 53 3.49 -0.97 -4.62
N PHE D 54 3.13 0.28 -4.90
CA PHE D 54 2.38 0.59 -6.11
C PHE D 54 2.91 1.88 -6.66
N ASP D 55 3.03 1.94 -7.98
CA ASP D 55 3.41 3.17 -8.62
C ASP D 55 2.61 3.33 -9.92
N ALA D 56 2.31 4.58 -10.26
CA ALA D 56 1.59 4.94 -11.48
C ALA D 56 2.24 6.14 -12.14
N ASP D 57 2.31 6.08 -13.46
CA ASP D 57 2.86 7.21 -14.26
C ASP D 57 2.01 7.07 -15.52
N ILE D 58 0.78 7.59 -15.46
CA ILE D 58 -0.18 7.42 -16.56
C ILE D 58 -0.73 8.71 -17.11
N GLN D 59 -1.17 8.67 -18.35
CA GLN D 59 -1.68 9.90 -18.95
C GLN D 59 -2.89 9.55 -19.84
N ASN D 60 -3.40 10.56 -20.52
CA ASN D 60 -4.53 10.41 -21.45
C ASN D 60 -5.69 9.76 -20.74
N LEU D 61 -5.96 10.21 -19.53
CA LEU D 61 -7.00 9.61 -18.70
C LEU D 61 -8.37 10.13 -18.88
N SER D 62 -9.34 9.22 -18.73
CA SER D 62 -10.74 9.62 -18.75
C SER D 62 -11.52 8.59 -17.94
N PRO D 63 -12.56 9.01 -17.25
CA PRO D 63 -13.37 8.08 -16.43
C PRO D 63 -14.47 7.33 -17.18
N LYS D 64 -14.85 6.17 -16.66
CA LYS D 64 -15.96 5.41 -17.24
C LYS D 64 -17.22 6.17 -16.92
N GLU D 65 -17.41 6.48 -15.62
CA GLU D 65 -18.58 7.20 -15.10
C GLU D 65 -18.11 8.47 -14.35
N PRO D 66 -18.01 9.61 -15.07
CA PRO D 66 -17.57 10.88 -14.50
C PRO D 66 -18.23 11.15 -13.17
N GLU D 67 -19.49 10.73 -13.08
CA GLU D 67 -20.27 10.93 -11.85
C GLU D 67 -19.66 10.31 -10.58
N ARG D 68 -18.90 9.23 -10.73
CA ARG D 68 -18.31 8.59 -9.57
C ARG D 68 -17.07 9.34 -9.06
N TYR D 69 -16.67 10.36 -9.83
CA TYR D 69 -15.57 11.26 -9.49
C TYR D 69 -14.17 10.65 -9.57
N VAL D 70 -13.89 9.67 -8.71
CA VAL D 70 -12.54 9.07 -8.68
C VAL D 70 -12.25 8.12 -9.82
N LEU D 71 -10.96 7.85 -10.06
CA LEU D 71 -10.60 6.96 -11.15
C LEU D 71 -10.28 5.53 -10.71
N GLY D 72 -9.72 5.35 -9.53
CA GLY D 72 -9.33 3.99 -9.16
C GLY D 72 -8.92 3.92 -7.74
N TYR D 73 -8.52 2.72 -7.32
CA TYR D 73 -8.21 2.43 -5.93
C TYR D 73 -7.21 1.28 -5.79
N PRO D 74 -5.98 1.44 -6.31
CA PRO D 74 -4.98 0.34 -6.18
C PRO D 74 -4.96 -0.02 -4.69
N GLU D 75 -4.97 -1.31 -4.29
CA GLU D 75 -5.14 -1.66 -2.90
C GLU D 75 -4.73 -3.08 -2.56
N PHE D 76 -4.69 -3.42 -1.28
CA PHE D 76 -4.54 -4.84 -0.94
C PHE D 76 -5.63 -5.09 0.15
N TYR D 77 -6.06 -6.34 0.33
CA TYR D 77 -7.10 -6.56 1.36
C TYR D 77 -7.06 -7.93 2.03
N TYR D 78 -7.76 -7.98 3.17
CA TYR D 78 -7.88 -9.21 3.91
C TYR D 78 -9.38 -9.53 3.85
N GLY D 79 -9.72 -10.77 3.51
CA GLY D 79 -11.15 -11.11 3.45
C GLY D 79 -11.71 -11.22 2.04
N TYR D 80 -13.03 -11.09 1.92
CA TYR D 80 -13.79 -11.30 0.68
C TYR D 80 -14.29 -9.99 0.11
N LYS D 81 -13.89 -9.67 -1.11
CA LYS D 81 -14.32 -8.41 -1.68
C LYS D 81 -15.55 -8.72 -2.53
N PRO D 82 -16.75 -8.31 -2.05
CA PRO D 82 -17.99 -8.61 -2.82
C PRO D 82 -17.91 -8.33 -4.32
N TRP D 83 -17.49 -7.11 -4.69
CA TRP D 83 -17.43 -6.73 -6.11
C TRP D 83 -16.63 -7.63 -7.00
N GLU D 84 -15.65 -8.33 -6.44
CA GLU D 84 -14.84 -9.21 -7.27
C GLU D 84 -15.03 -10.71 -6.96
N ASN D 85 -15.98 -11.00 -6.09
CA ASN D 85 -16.31 -12.33 -5.65
C ASN D 85 -15.00 -13.05 -5.38
N HIS D 86 -14.16 -12.43 -4.56
CA HIS D 86 -12.84 -13.01 -4.35
C HIS D 86 -12.32 -12.99 -2.93
N THR D 87 -11.73 -14.09 -2.51
CA THR D 87 -11.08 -14.13 -1.24
C THR D 87 -9.90 -15.08 -1.34
N ALA D 88 -8.81 -14.79 -0.63
CA ALA D 88 -7.64 -15.65 -0.57
C ALA D 88 -8.07 -16.76 0.38
N GLU D 89 -7.32 -17.85 0.37
CA GLU D 89 -7.60 -18.98 1.26
C GLU D 89 -7.16 -18.71 2.70
N GLY D 90 -8.00 -19.12 3.67
CA GLY D 90 -7.61 -19.01 5.09
C GLY D 90 -7.98 -17.71 5.81
N SER D 91 -8.84 -16.90 5.21
CA SER D 91 -9.26 -15.65 5.85
C SER D 91 -10.39 -15.91 6.84
N LYS D 92 -10.43 -15.17 7.94
CA LYS D 92 -11.48 -15.33 8.95
C LYS D 92 -12.75 -14.61 8.55
N LEU D 93 -12.62 -13.62 7.66
CA LEU D 93 -13.76 -12.85 7.16
C LEU D 93 -14.41 -13.53 5.96
N PRO D 94 -15.70 -13.27 5.73
CA PRO D 94 -16.65 -12.40 6.45
C PRO D 94 -17.19 -12.95 7.75
N VAL D 95 -17.56 -12.03 8.64
CA VAL D 95 -18.22 -12.42 9.90
C VAL D 95 -19.29 -11.39 10.17
N PRO D 96 -20.31 -11.75 10.94
CA PRO D 96 -21.29 -10.66 11.14
C PRO D 96 -20.74 -9.53 11.98
N VAL D 97 -21.21 -8.30 11.73
CA VAL D 97 -20.75 -7.17 12.52
C VAL D 97 -20.89 -7.50 13.98
N SER D 98 -22.05 -8.06 14.33
CA SER D 98 -22.32 -8.42 15.73
C SER D 98 -21.25 -9.32 16.33
N SER D 99 -20.59 -10.13 15.50
CA SER D 99 -19.56 -11.05 15.99
C SER D 99 -18.24 -10.42 16.33
N MET D 100 -18.07 -9.14 15.98
CA MET D 100 -16.80 -8.49 16.18
C MET D 100 -16.59 -7.74 17.48
N LYS D 101 -15.71 -8.27 18.32
CA LYS D 101 -15.40 -7.65 19.58
C LYS D 101 -14.48 -6.47 19.28
N SER D 102 -13.42 -6.77 18.51
CA SER D 102 -12.47 -5.74 18.07
C SER D 102 -11.87 -6.24 16.75
N PHE D 103 -11.13 -5.36 16.05
CA PHE D 103 -10.49 -5.71 14.76
C PHE D 103 -9.43 -4.59 14.61
N SER D 104 -8.25 -4.89 15.13
CA SER D 104 -7.16 -3.99 15.16
C SER D 104 -6.35 -4.13 13.89
N VAL D 105 -6.07 -2.99 13.26
CA VAL D 105 -5.25 -3.00 12.06
C VAL D 105 -4.07 -2.12 12.33
N GLU D 106 -2.88 -2.57 11.95
CA GLU D 106 -1.70 -1.76 12.09
C GLU D 106 -0.90 -1.80 10.76
N VAL D 107 -0.38 -0.66 10.34
CA VAL D 107 0.40 -0.60 9.12
C VAL D 107 1.24 0.68 9.07
N SER D 108 2.37 0.56 8.39
CA SER D 108 3.27 1.67 8.11
C SER D 108 3.01 2.01 6.65
N PHE D 109 2.97 3.29 6.37
CA PHE D 109 2.67 3.70 5.05
C PHE D 109 3.50 4.92 4.63
N ASP D 110 3.64 5.07 3.32
CA ASP D 110 4.39 6.20 2.76
C ASP D 110 3.75 6.46 1.43
N ILE D 111 3.07 7.59 1.32
CA ILE D 111 2.36 7.95 0.15
C ILE D 111 2.98 9.14 -0.56
N HIS D 112 3.22 9.02 -1.86
CA HIS D 112 3.81 10.15 -2.60
C HIS D 112 2.96 10.49 -3.84
N HIS D 113 2.92 11.75 -4.23
CA HIS D 113 2.10 12.14 -5.37
C HIS D 113 2.45 13.51 -5.88
N GLU D 114 2.10 13.78 -7.13
CA GLU D 114 2.32 15.10 -7.69
C GLU D 114 1.38 16.00 -6.87
N PRO D 115 1.75 17.28 -6.74
CA PRO D 115 0.98 18.24 -5.96
C PRO D 115 -0.53 18.34 -6.00
N SER D 116 -1.11 18.46 -7.18
CA SER D 116 -2.55 18.63 -7.24
C SER D 116 -3.40 17.38 -7.44
N LEU D 117 -2.79 16.20 -7.42
CA LEU D 117 -3.59 15.01 -7.70
C LEU D 117 -4.63 14.67 -6.63
N PRO D 118 -5.93 14.59 -6.99
CA PRO D 118 -6.95 14.23 -5.98
C PRO D 118 -6.58 12.83 -5.51
N LEU D 119 -6.37 12.66 -4.21
CA LEU D 119 -6.00 11.34 -3.73
C LEU D 119 -6.27 11.14 -2.25
N ASN D 120 -6.44 9.89 -1.79
CA ASN D 120 -6.50 9.69 -0.37
C ASN D 120 -5.77 8.43 -0.01
N PHE D 121 -5.54 8.22 1.27
CA PHE D 121 -5.03 6.91 1.70
C PHE D 121 -6.29 6.50 2.47
N ALA D 122 -6.96 5.45 2.04
CA ALA D 122 -8.22 5.13 2.68
C ALA D 122 -8.36 3.66 2.83
N MET D 123 -8.97 3.29 3.94
CA MET D 123 -9.23 1.88 4.22
C MET D 123 -10.76 1.74 4.17
N GLU D 124 -11.25 0.53 3.84
CA GLU D 124 -12.69 0.39 3.75
C GLU D 124 -13.22 -1.03 3.84
N THR D 125 -14.48 -1.10 4.22
CA THR D 125 -15.13 -2.40 4.29
C THR D 125 -16.46 -2.31 3.60
N TRP D 126 -17.03 -3.47 3.29
CA TRP D 126 -18.34 -3.55 2.68
C TRP D 126 -19.23 -4.40 3.64
N LEU D 127 -20.34 -3.81 4.10
CA LEU D 127 -21.27 -4.50 5.02
C LEU D 127 -22.44 -4.95 4.14
N THR D 128 -22.63 -6.28 4.04
CA THR D 128 -23.66 -6.83 3.19
C THR D 128 -24.69 -7.67 3.98
N ARG D 129 -25.93 -7.63 3.52
CA ARG D 129 -26.99 -8.38 4.21
C ARG D 129 -26.69 -9.87 4.17
N GLU D 130 -26.31 -10.41 2.99
CA GLU D 130 -25.93 -11.81 2.84
C GLU D 130 -24.37 -11.91 2.86
N LYS D 131 -23.86 -13.03 3.38
CA LYS D 131 -22.43 -13.27 3.53
C LYS D 131 -21.60 -13.12 2.28
N TYR D 132 -22.07 -13.68 1.17
CA TYR D 132 -21.28 -13.56 -0.04
C TYR D 132 -21.96 -12.87 -1.26
N GLN D 133 -22.37 -11.62 -1.11
CA GLN D 133 -22.99 -10.86 -2.18
C GLN D 133 -21.91 -10.53 -3.19
N THR D 134 -22.31 -10.11 -4.38
CA THR D 134 -21.31 -9.74 -5.39
C THR D 134 -21.49 -8.24 -5.73
N GLU D 135 -22.17 -7.52 -4.84
CA GLU D 135 -22.35 -6.09 -5.04
C GLU D 135 -23.01 -5.53 -3.83
N ALA D 136 -23.08 -4.22 -3.73
CA ALA D 136 -23.72 -3.60 -2.60
C ALA D 136 -24.99 -2.98 -3.15
N SER D 137 -26.05 -2.95 -2.35
CA SER D 137 -27.30 -2.35 -2.78
C SER D 137 -27.97 -1.67 -1.58
N ILE D 138 -29.23 -1.25 -1.73
CA ILE D 138 -29.91 -0.60 -0.60
C ILE D 138 -30.08 -1.59 0.55
N GLY D 139 -29.62 -1.18 1.73
CA GLY D 139 -29.65 -2.05 2.88
C GLY D 139 -28.21 -2.40 3.26
N ASP D 140 -27.30 -2.22 2.29
CA ASP D 140 -25.85 -2.46 2.47
C ASP D 140 -25.08 -1.16 2.70
N VAL D 141 -23.89 -1.28 3.24
CA VAL D 141 -23.08 -0.11 3.52
C VAL D 141 -21.63 -0.24 3.08
N CYS D 142 -21.03 0.90 2.76
CA CYS D 142 -19.61 0.98 2.40
C CYS D 142 -19.09 1.94 3.46
N ILE D 143 -18.11 1.52 4.23
CA ILE D 143 -17.56 2.41 5.24
C ILE D 143 -16.07 2.66 4.94
N MET D 144 -15.66 3.92 4.83
CA MET D 144 -14.22 4.23 4.58
C MET D 144 -13.62 5.03 5.69
N VAL D 145 -12.32 4.84 5.87
CA VAL D 145 -11.56 5.52 6.89
C VAL D 145 -10.38 6.15 6.11
N TRP D 146 -10.45 7.46 5.92
CA TRP D 146 -9.44 8.23 5.20
C TRP D 146 -8.48 8.81 6.17
N PHE D 147 -7.27 8.25 6.20
CA PHE D 147 -6.19 8.74 7.05
C PHE D 147 -5.40 9.87 6.33
N TYR D 148 -5.63 10.07 5.04
CA TYR D 148 -4.91 11.14 4.36
C TYR D 148 -5.73 11.53 3.18
N PHE D 149 -5.62 12.77 2.76
CA PHE D 149 -6.26 13.18 1.54
C PHE D 149 -5.48 14.36 0.95
N ASN D 150 -5.64 14.58 -0.36
CA ASN D 150 -4.99 15.67 -1.08
C ASN D 150 -5.96 16.07 -2.11
N ASN D 151 -6.40 17.32 -2.06
CA ASN D 151 -7.27 17.85 -3.07
C ASN D 151 -8.41 16.90 -3.44
N LEU D 152 -9.10 16.39 -2.41
CA LEU D 152 -10.18 15.45 -2.66
C LEU D 152 -11.14 15.50 -1.46
N THR D 153 -12.43 15.50 -1.76
CA THR D 153 -13.49 15.56 -0.74
C THR D 153 -14.35 14.29 -0.79
N PRO D 154 -14.85 13.80 0.36
CA PRO D 154 -15.70 12.60 0.38
C PRO D 154 -16.98 12.81 -0.39
N GLY D 155 -17.63 11.73 -0.77
CA GLY D 155 -18.88 11.88 -1.49
C GLY D 155 -19.99 12.33 -0.52
N GLY D 156 -21.12 12.77 -1.07
CA GLY D 156 -22.26 13.19 -0.26
C GLY D 156 -22.09 14.41 0.61
N GLU D 157 -22.68 14.40 1.79
CA GLU D 157 -22.56 15.53 2.68
C GLU D 157 -22.11 15.13 4.05
N LYS D 158 -21.39 16.02 4.69
CA LYS D 158 -20.89 15.80 6.03
C LYS D 158 -22.11 15.89 6.91
N ILE D 159 -22.25 14.95 7.85
CA ILE D 159 -23.40 14.92 8.74
C ILE D 159 -23.07 14.92 10.21
N GLU D 160 -21.79 14.83 10.55
CA GLU D 160 -21.42 14.81 11.96
C GLU D 160 -19.93 14.79 12.09
N GLU D 161 -19.45 14.96 13.32
CA GLU D 161 -18.05 14.84 13.60
C GLU D 161 -17.96 13.95 14.81
N PHE D 162 -17.00 13.04 14.80
CA PHE D 162 -16.76 12.09 15.89
C PHE D 162 -15.30 12.21 16.29
N THR D 163 -15.02 11.96 17.56
CA THR D 163 -13.65 12.03 18.06
C THR D 163 -13.31 10.57 18.30
N ILE D 164 -12.53 9.98 17.40
CA ILE D 164 -12.18 8.56 17.51
C ILE D 164 -10.69 8.42 17.66
N PRO D 165 -10.23 7.74 18.71
CA PRO D 165 -8.82 7.51 19.01
C PRO D 165 -8.13 6.52 18.07
N PHE D 166 -6.82 6.58 18.06
CA PHE D 166 -6.02 5.69 17.24
C PHE D 166 -4.59 5.95 17.65
N VAL D 167 -3.68 5.03 17.35
CA VAL D 167 -2.27 5.17 17.71
C VAL D 167 -1.51 5.61 16.44
N LEU D 168 -0.82 6.77 16.52
CA LEU D 168 -0.06 7.31 15.41
C LEU D 168 1.39 7.40 15.79
N ASN D 169 2.21 6.60 15.13
CA ASN D 169 3.64 6.54 15.37
C ASN D 169 4.02 6.13 16.79
N GLY D 170 3.12 5.40 17.44
CA GLY D 170 3.37 4.92 18.78
C GLY D 170 2.66 5.74 19.85
N GLU D 171 2.16 6.90 19.45
CA GLU D 171 1.50 7.76 20.41
C GLU D 171 0.01 7.69 20.31
N SER D 172 -0.60 7.49 21.48
CA SER D 172 -2.01 7.42 21.54
C SER D 172 -2.51 8.85 21.26
N VAL D 173 -3.42 9.02 20.32
CA VAL D 173 -3.90 10.34 19.98
C VAL D 173 -5.40 10.33 19.75
N GLU D 174 -5.99 11.50 19.66
CA GLU D 174 -7.42 11.59 19.49
C GLU D 174 -7.74 12.31 18.18
N GLY D 175 -8.23 11.59 17.18
CA GLY D 175 -8.51 12.26 15.95
C GLY D 175 -9.91 12.76 15.87
N THR D 176 -10.11 13.73 15.00
CA THR D 176 -11.43 14.27 14.79
C THR D 176 -11.73 13.79 13.42
N TRP D 177 -12.90 13.21 13.23
CA TRP D 177 -13.28 12.62 11.99
C TRP D 177 -14.59 13.08 11.41
N GLU D 178 -14.53 13.75 10.29
CA GLU D 178 -15.78 14.13 9.70
C GLU D 178 -16.43 12.86 9.16
N LEU D 179 -17.72 12.70 9.42
CA LEU D 179 -18.46 11.58 8.89
C LEU D 179 -19.20 12.21 7.75
N TRP D 180 -19.09 11.59 6.59
CA TRP D 180 -19.72 12.07 5.39
C TRP D 180 -20.63 10.98 4.96
N LEU D 181 -21.90 11.31 4.71
CA LEU D 181 -22.80 10.27 4.28
C LEU D 181 -23.39 10.54 2.93
N ALA D 182 -23.59 9.49 2.18
CA ALA D 182 -24.21 9.58 0.88
C ALA D 182 -25.08 8.35 0.67
N GLU D 183 -26.33 8.57 0.28
CA GLU D 183 -27.24 7.46 0.08
C GLU D 183 -27.40 7.19 -1.41
N TRP D 184 -26.38 6.60 -2.04
CA TRP D 184 -26.45 6.27 -3.48
C TRP D 184 -27.05 4.89 -3.68
N GLY D 185 -26.43 4.07 -4.52
CA GLY D 185 -26.90 2.72 -4.76
C GLY D 185 -26.91 1.92 -3.46
N TRP D 186 -26.11 2.37 -2.50
CA TRP D 186 -25.98 1.77 -1.18
C TRP D 186 -25.61 2.93 -0.28
N ASP D 187 -25.39 2.66 0.99
CA ASP D 187 -25.02 3.74 1.90
C ASP D 187 -23.53 3.90 1.91
N TYR D 188 -23.08 5.14 1.81
CA TYR D 188 -21.65 5.45 1.79
C TYR D 188 -21.32 6.28 3.01
N LEU D 189 -20.46 5.76 3.88
CA LEU D 189 -20.03 6.47 5.07
C LEU D 189 -18.51 6.65 5.09
N ALA D 190 -18.04 7.87 4.86
CA ALA D 190 -16.60 8.10 4.87
C ALA D 190 -16.17 8.88 6.10
N PHE D 191 -15.25 8.33 6.87
CA PHE D 191 -14.72 9.04 8.01
C PHE D 191 -13.42 9.70 7.52
N ARG D 192 -13.35 11.02 7.51
CA ARG D 192 -12.11 11.68 7.06
C ARG D 192 -11.40 12.40 8.19
N LEU D 193 -10.24 11.88 8.57
CA LEU D 193 -9.44 12.48 9.62
C LEU D 193 -9.16 13.95 9.24
N LYS D 194 -9.42 14.87 10.17
CA LYS D 194 -9.20 16.29 9.90
C LYS D 194 -7.71 16.68 9.81
N ASP D 195 -6.86 15.90 10.46
CA ASP D 195 -5.44 16.14 10.41
C ASP D 195 -4.72 15.05 9.55
N PRO D 196 -4.95 15.07 8.23
CA PRO D 196 -4.35 14.07 7.32
C PRO D 196 -2.88 13.77 7.51
N VAL D 197 -2.52 12.47 7.43
CA VAL D 197 -1.17 11.96 7.60
C VAL D 197 -0.70 11.27 6.28
N LYS D 198 0.40 11.76 5.70
CA LYS D 198 0.94 11.26 4.46
C LYS D 198 1.90 10.10 4.59
N LYS D 199 2.58 10.01 5.72
CA LYS D 199 3.60 8.99 5.94
C LYS D 199 3.62 8.74 7.46
N GLY D 200 3.70 7.49 7.90
CA GLY D 200 3.70 7.21 9.32
C GLY D 200 3.39 5.75 9.61
N ARG D 201 2.89 5.50 10.81
CA ARG D 201 2.52 4.16 11.27
C ARG D 201 1.22 4.36 12.09
N VAL D 202 0.14 3.64 11.76
CA VAL D 202 -1.13 3.76 12.51
C VAL D 202 -1.61 2.38 12.99
N LYS D 203 -2.34 2.38 14.13
CA LYS D 203 -2.98 1.18 14.73
C LYS D 203 -4.28 1.69 15.31
N PHE D 204 -5.36 1.06 14.91
CA PHE D 204 -6.65 1.47 15.40
C PHE D 204 -7.54 0.26 15.40
N ASP D 205 -8.73 0.44 16.01
CA ASP D 205 -9.70 -0.61 16.14
C ASP D 205 -10.85 -0.21 15.27
N VAL D 206 -11.14 -1.00 14.23
CA VAL D 206 -12.23 -0.74 13.32
C VAL D 206 -13.59 -0.71 14.03
N ARG D 207 -13.65 -1.33 15.20
CA ARG D 207 -14.91 -1.41 15.95
C ARG D 207 -15.48 -0.01 16.28
N HIS D 208 -14.57 0.96 16.49
CA HIS D 208 -14.97 2.36 16.78
C HIS D 208 -15.72 2.98 15.62
N PHE D 209 -15.23 2.71 14.42
CA PHE D 209 -15.88 3.21 13.24
C PHE D 209 -17.20 2.48 13.02
N LEU D 210 -17.24 1.18 13.28
CA LEU D 210 -18.48 0.45 13.09
C LEU D 210 -19.53 1.02 14.06
N ASP D 211 -19.15 1.25 15.31
CA ASP D 211 -20.12 1.82 16.27
C ASP D 211 -20.72 3.14 15.81
N ALA D 212 -19.80 4.05 15.47
CA ALA D 212 -20.18 5.38 15.05
C ALA D 212 -21.04 5.31 13.85
N ALA D 213 -20.76 4.38 12.95
CA ALA D 213 -21.53 4.26 11.72
C ALA D 213 -22.89 3.68 12.07
N GLY D 214 -22.89 2.81 13.07
CA GLY D 214 -24.13 2.19 13.52
C GLY D 214 -25.06 3.30 13.95
N LYS D 215 -24.60 4.10 14.91
CA LYS D 215 -25.39 5.24 15.41
C LYS D 215 -25.87 6.15 14.31
N ALA D 216 -24.99 6.45 13.35
CA ALA D 216 -25.38 7.35 12.28
C ALA D 216 -26.47 6.77 11.41
N LEU D 217 -26.53 5.45 11.37
CA LEU D 217 -27.58 4.84 10.56
C LEU D 217 -28.79 4.36 11.38
N SER D 218 -28.73 4.50 12.70
CA SER D 218 -29.82 4.08 13.62
C SER D 218 -31.20 4.46 13.12
N SER D 219 -31.35 5.67 12.62
CA SER D 219 -32.67 6.07 12.14
C SER D 219 -32.81 6.05 10.62
N SER D 220 -32.01 5.20 9.96
CA SER D 220 -32.07 5.09 8.51
C SER D 220 -33.32 4.33 7.99
N ALA D 221 -33.90 4.83 6.90
CA ALA D 221 -35.06 4.19 6.28
C ALA D 221 -34.59 3.13 5.29
N ARG D 222 -33.27 2.99 5.17
CA ARG D 222 -32.64 2.03 4.25
C ARG D 222 -31.86 0.92 4.96
N VAL D 223 -31.06 1.30 5.97
CA VAL D 223 -30.27 0.35 6.74
C VAL D 223 -31.09 0.03 7.98
N LYS D 224 -31.53 -1.23 8.08
CA LYS D 224 -32.41 -1.65 9.18
C LYS D 224 -31.78 -2.34 10.37
N ASP D 225 -30.97 -3.35 10.10
CA ASP D 225 -30.32 -4.09 11.17
C ASP D 225 -28.85 -4.03 10.87
N PHE D 226 -28.23 -2.93 11.26
CA PHE D 226 -26.80 -2.72 11.03
C PHE D 226 -25.95 -3.90 11.51
N GLU D 227 -26.13 -4.28 12.78
CA GLU D 227 -25.35 -5.34 13.43
C GLU D 227 -25.43 -6.78 12.88
N ASP D 228 -26.41 -7.08 12.05
CA ASP D 228 -26.53 -8.43 11.46
C ASP D 228 -25.89 -8.46 10.04
N LEU D 229 -25.38 -7.31 9.62
CA LEU D 229 -24.75 -7.25 8.31
C LEU D 229 -23.39 -7.96 8.44
N TYR D 230 -22.88 -8.46 7.32
CA TYR D 230 -21.59 -9.12 7.34
C TYR D 230 -20.49 -8.09 7.03
N PHE D 231 -19.42 -8.12 7.82
CA PHE D 231 -18.18 -7.32 7.68
C PHE D 231 -17.33 -8.23 6.75
N THR D 232 -17.38 -7.94 5.46
CA THR D 232 -16.74 -8.80 4.49
C THR D 232 -15.23 -8.75 4.24
N VAL D 233 -14.64 -7.59 4.46
CA VAL D 233 -13.25 -7.46 4.05
C VAL D 233 -12.73 -6.17 4.65
N TRP D 234 -11.39 -6.05 4.68
CA TRP D 234 -10.75 -4.81 5.11
C TRP D 234 -9.76 -4.49 3.97
N GLU D 235 -10.06 -3.45 3.21
CA GLU D 235 -9.21 -3.04 2.13
C GLU D 235 -8.31 -1.87 2.56
N ILE D 236 -7.08 -1.81 2.03
CA ILE D 236 -6.15 -0.70 2.37
C ILE D 236 -5.59 -0.23 0.99
N GLY D 237 -5.79 1.05 0.64
CA GLY D 237 -5.29 1.54 -0.64
C GLY D 237 -5.35 3.05 -0.75
N THR D 238 -5.34 3.53 -1.98
CA THR D 238 -5.41 4.95 -2.24
C THR D 238 -6.36 5.22 -3.39
N GLU D 239 -7.46 5.93 -3.13
CA GLU D 239 -8.30 6.27 -4.25
C GLU D 239 -7.57 7.46 -4.91
N PHE D 240 -7.77 7.67 -6.17
CA PHE D 240 -7.16 8.82 -6.83
C PHE D 240 -7.97 9.27 -8.06
N GLY D 241 -7.75 10.52 -8.48
CA GLY D 241 -8.39 11.04 -9.67
C GLY D 241 -9.64 11.85 -9.49
N SER D 242 -10.05 12.50 -10.58
CA SER D 242 -11.28 13.30 -10.70
C SER D 242 -11.58 13.32 -12.18
N PRO D 243 -12.78 13.82 -12.58
CA PRO D 243 -13.09 13.86 -14.01
C PRO D 243 -12.14 14.79 -14.79
N GLU D 244 -11.40 15.61 -14.05
CA GLU D 244 -10.46 16.57 -14.65
C GLU D 244 -9.00 16.13 -14.59
N THR D 245 -8.74 14.98 -13.98
CA THR D 245 -7.39 14.49 -13.90
C THR D 245 -7.03 13.86 -15.24
N LYS D 246 -6.05 14.42 -15.92
CA LYS D 246 -5.65 13.92 -17.22
C LYS D 246 -4.44 13.03 -17.18
N SER D 247 -3.64 13.17 -16.11
CA SER D 247 -2.43 12.38 -15.94
C SER D 247 -2.32 12.19 -14.45
N ALA D 248 -1.61 11.16 -14.03
CA ALA D 248 -1.43 10.88 -12.61
C ALA D 248 -0.07 10.21 -12.39
N GLN D 249 0.70 10.75 -11.46
CA GLN D 249 1.99 10.16 -11.05
C GLN D 249 1.90 10.13 -9.52
N PHE D 250 1.95 8.96 -8.92
CA PHE D 250 1.89 8.83 -7.47
C PHE D 250 2.27 7.40 -7.17
N GLY D 251 2.35 7.08 -5.90
CA GLY D 251 2.68 5.72 -5.54
C GLY D 251 2.61 5.59 -4.03
N TRP D 252 2.78 4.37 -3.57
CA TRP D 252 2.78 4.12 -2.18
C TRP D 252 3.60 2.93 -1.81
N LYS D 253 3.83 2.82 -0.52
CA LYS D 253 4.51 1.67 0.07
C LYS D 253 3.90 1.37 1.44
N PHE D 254 3.56 0.11 1.65
CA PHE D 254 3.01 -0.39 2.92
C PHE D 254 3.96 -1.47 3.48
N GLU D 255 4.24 -1.36 4.77
CA GLU D 255 5.08 -2.34 5.43
C GLU D 255 4.54 -2.52 6.88
N ASN D 256 5.16 -3.43 7.63
CA ASN D 256 4.82 -3.66 9.05
C ASN D 256 3.34 -3.84 9.27
N PHE D 257 2.76 -4.76 8.50
CA PHE D 257 1.32 -4.97 8.55
C PHE D 257 0.89 -6.07 9.54
N SER D 258 -0.17 -5.84 10.29
CA SER D 258 -0.70 -6.86 11.20
C SER D 258 -2.19 -6.63 11.38
N ILE D 259 -2.97 -7.69 11.61
CA ILE D 259 -4.37 -7.51 11.86
C ILE D 259 -4.77 -8.50 12.94
N ASP D 260 -5.70 -8.12 13.80
CA ASP D 260 -6.14 -9.04 14.84
C ASP D 260 -7.63 -8.94 14.94
N LEU D 261 -8.30 -10.02 14.53
CA LEU D 261 -9.76 -10.03 14.62
C LEU D 261 -10.12 -10.77 15.89
N GLU D 262 -10.97 -10.18 16.72
CA GLU D 262 -11.45 -10.84 17.94
C GLU D 262 -12.93 -11.08 17.80
N VAL D 263 -13.30 -12.35 17.97
CA VAL D 263 -14.68 -12.80 17.87
C VAL D 263 -15.24 -12.94 19.29
N ARG D 264 -16.54 -12.79 19.41
CA ARG D 264 -17.20 -12.97 20.72
C ARG D 264 -18.41 -13.87 20.54
C1 GLC E . -15.39 -42.48 11.16
C2 GLC E . -16.48 -42.75 10.12
C3 GLC E . -17.23 -41.47 9.79
C4 GLC E . -17.82 -40.85 11.06
C5 GLC E . -16.74 -40.73 12.13
C6 GLC E . -17.41 -40.39 13.46
O1 GLC E . -14.45 -41.53 10.64
O2 GLC E . -15.85 -43.24 8.93
O3 GLC E . -18.27 -41.76 8.87
O4 GLC E . -18.32 -39.52 10.80
O5 GLC E . -16.00 -41.94 12.35
O6 GLC E . -18.15 -41.53 13.88
C2 BGC E . -20.14 -37.98 10.80
C3 BGC E . -21.63 -37.78 10.55
C4 BGC E . -21.92 -38.20 9.10
C5 BGC E . -21.37 -39.59 8.80
C6 BGC E . -21.55 -39.88 7.31
C1 BGC E . -19.72 -39.43 10.53
O2 BGC E . -19.80 -37.63 12.15
O3 BGC E . -21.99 -36.40 10.73
O4 BGC E . -23.33 -38.23 8.87
O5 BGC E . -19.98 -39.74 9.16
O6 BGC E . -21.10 -41.21 7.04
C1 GLC F . 26.70 -7.68 -25.80
C2 GLC F . 26.18 -7.93 -27.22
C3 GLC F . 25.44 -6.68 -27.68
C4 GLC F . 24.28 -6.38 -26.72
C5 GLC F . 24.76 -6.34 -25.28
C6 GLC F . 23.55 -6.40 -24.35
O1 GLC F . 27.53 -6.52 -25.85
O2 GLC F . 27.29 -8.18 -28.08
O3 GLC F . 24.91 -6.91 -28.99
O4 GLC F . 23.78 -5.08 -27.01
O5 GLC F . 25.59 -7.46 -24.92
O6 GLC F . 22.96 -7.70 -24.38
C2 BGC F . 21.84 -3.73 -27.47
C3 BGC F . 20.58 -3.61 -28.32
C4 BGC F . 20.92 -3.81 -29.80
C5 BGC F . 21.72 -5.10 -30.03
C6 BGC F . 22.23 -5.15 -31.48
C1 BGC F . 22.55 -5.06 -27.77
O2 BGC F . 21.56 -3.62 -26.07
O3 BGC F . 20.04 -2.29 -28.19
O4 BGC F . 19.71 -3.90 -30.55
O5 BGC F . 22.87 -5.08 -29.18
O6 BGC F . 22.91 -6.39 -31.68
C1 GLC G . 0.37 33.69 -2.36
C2 GLC G . 1.10 33.74 -3.71
C3 GLC G . 1.03 35.18 -4.24
C4 GLC G . -0.42 35.59 -4.42
C5 GLC G . -1.20 35.33 -3.14
C6 GLC G . -2.70 35.52 -3.39
O1 GLC G . 0.93 34.67 -1.47
O2 GLC G . 2.48 33.39 -3.53
O3 GLC G . 1.71 35.25 -5.50
O4 GLC G . -0.47 37.00 -4.71
O5 GLC G . -1.01 34.01 -2.59
O6 GLC G . -3.24 34.39 -4.08
C2 BGC G . -1.34 38.67 -6.11
C3 BGC G . -1.49 39.15 -7.55
C4 BGC G . -0.12 39.11 -8.26
C5 BGC G . 0.51 37.73 -8.10
C6 BGC G . 1.95 37.76 -8.63
C1 BGC G . -0.70 37.27 -6.09
O2 BGC G . -2.60 38.60 -5.43
O3 BGC G . -1.95 40.51 -7.58
O4 BGC G . -0.30 39.36 -9.65
O5 BGC G . 0.58 37.38 -6.71
O6 BGC G . 2.49 36.44 -8.55
C1 GLC H . -15.98 4.40 -2.83
C2 GLC H . -17.01 4.00 -3.89
C3 GLC H . -16.87 2.53 -4.25
C4 GLC H . -15.42 2.21 -4.65
C5 GLC H . -14.48 2.68 -3.54
C6 GLC H . -13.03 2.48 -3.97
O1 GLC H . -16.19 3.66 -1.62
O2 GLC H . -18.33 4.21 -3.38
O3 GLC H . -17.74 2.26 -5.36
O4 GLC H . -15.26 0.78 -4.75
O5 GLC H . -14.66 4.09 -3.31
O6 GLC H . -12.76 3.44 -5.00
C2 BGC H . -14.59 -1.11 -6.03
C3 BGC H . -14.57 -1.76 -7.41
C4 BGC H . -16.02 -1.86 -7.91
C5 BGC H . -16.70 -0.49 -7.88
C6 BGC H . -18.16 -0.69 -8.30
C1 BGC H . -15.29 0.26 -6.09
O2 BGC H . -13.27 -0.95 -5.50
O3 BGC H . -14.03 -3.08 -7.31
O4 BGC H . -16.08 -2.33 -9.26
O5 BGC H . -16.63 0.04 -6.54
O6 BGC H . -18.82 0.58 -8.35
C2 BGC I . -14.17 -47.69 13.55
C3 BGC I . -14.74 -46.26 13.63
C4 BGC I . -15.60 -45.92 12.40
C5 BGC I . -16.50 -47.08 11.91
C6 BGC I . -17.16 -46.80 10.55
C1 BGC I . -15.20 -48.71 13.04
O1 BGC I . -14.61 -49.95 12.87
O2 BGC I . -13.73 -48.10 14.84
O3 BGC I . -13.68 -45.30 13.71
O4 BGC I . -16.40 -44.81 12.72
O5 BGC I . -15.71 -48.28 11.77
O6 BGC I . -18.18 -45.79 10.65
C2 BGC J . 27.77 -13.19 -23.78
C3 BGC J . 27.02 -11.85 -23.83
C4 BGC J . 26.66 -11.43 -25.26
C5 BGC J . 26.21 -12.59 -26.14
C6 BGC J . 25.98 -12.15 -27.59
C1 BGC J . 27.26 -14.22 -24.82
O1 BGC J . 28.11 -15.32 -24.86
O2 BGC J . 27.63 -13.73 -22.47
O3 BGC J . 27.84 -10.83 -23.25
O4 BGC J . 25.66 -10.43 -25.24
O5 BGC J . 27.22 -13.63 -26.13
O6 BGC J . 24.87 -11.24 -27.66
C2 BGC K . -0.51 27.73 -1.35
C3 BGC K . -0.96 29.17 -1.75
C4 BGC K . -0.06 29.76 -2.85
C5 BGC K . 0.31 28.73 -3.97
C6 BGC K . 1.39 29.25 -4.95
C1 BGC K . -0.31 26.89 -2.66
O1 BGC K . -0.06 25.53 -2.42
O2 BGC K . -1.49 27.11 -0.51
O3 BGC K . -0.99 30.06 -0.61
O4 BGC K . -0.74 30.87 -3.43
O5 BGC K . 0.76 27.47 -3.40
O6 BGC K . 0.99 30.51 -5.50
#